data_4Y6K
#
_entry.id   4Y6K
#
_cell.length_a   168.617
_cell.length_b   201.691
_cell.length_c   117.505
_cell.angle_alpha   90.00
_cell.angle_beta   90.00
_cell.angle_gamma   90.00
#
_symmetry.space_group_name_H-M   'C 2 2 2'
#
loop_
_entity.id
_entity.type
_entity.pdbx_description
1 polymer 'Uncharacterized protein PSH'
2 non-polymer N-{(2R,4S,5S)-2-benzyl-5-[(tert-butoxycarbonyl)amino]-4-hydroxy-6-phenylhexanoyl}-L-leucyl-L-phenylalaninamide
#
_entity_poly.entity_id   1
_entity_poly.type   'polypeptide(L)'
_entity_poly.pdbx_seq_one_letter_code
;MQIRDWLPLLGMPLMLLFVQIIAIVLVMPMQAAGLVAFENPSSVANPLIFIGMLLAFTLVLLVLLRTGGRRFIAAFIGFA
LFMTFLYIFGALSLLALGPTTAAAAGTLIGAVAVTALLYLYPEWYVIDILGVLISAGVASIFGISLEPLPVLVLLVLLAV
YDAISVYRTKHMITLAEGVLETKAPIMVVVPKRADYSFRKEGLNISEGEERGAFVMGMGDLIMPSILVVSSHVFVDAPAV
LWTLSAPTLGAMVGSLVGLAVLLYFVNKGNPQAGLPPLNGGAILGFLVGAALAGSFSWLPF
;
_entity_poly.pdbx_strand_id   A,B,C,D
#
# COMPACT_ATOMS: atom_id res chain seq x y z
N ARG A 4 -54.21 -69.24 7.32
CA ARG A 4 -53.07 -69.69 6.52
C ARG A 4 -51.84 -68.83 6.79
N ASP A 5 -51.15 -68.41 5.73
CA ASP A 5 -49.92 -67.63 5.86
C ASP A 5 -50.21 -66.15 6.13
N TRP A 6 -51.33 -65.87 6.79
CA TRP A 6 -51.73 -64.51 7.13
C TRP A 6 -50.82 -63.90 8.18
N LEU A 7 -51.10 -64.20 9.45
CA LEU A 7 -50.34 -63.70 10.59
C LEU A 7 -48.81 -63.70 10.40
N PRO A 8 -48.24 -64.78 9.82
CA PRO A 8 -46.80 -64.59 9.54
C PRO A 8 -46.55 -63.63 8.38
N LEU A 9 -45.49 -62.85 8.52
CA LEU A 9 -45.01 -61.89 7.52
C LEU A 9 -46.11 -61.16 6.74
N LEU A 10 -47.17 -60.76 7.44
CA LEU A 10 -48.03 -59.69 6.96
C LEU A 10 -47.71 -58.41 7.71
N GLY A 11 -46.97 -58.55 8.81
CA GLY A 11 -46.64 -57.42 9.66
C GLY A 11 -45.92 -56.30 8.94
N MET A 12 -45.27 -56.61 7.83
CA MET A 12 -44.52 -55.61 7.08
C MET A 12 -45.41 -54.80 6.12
N PRO A 13 -46.34 -55.47 5.40
CA PRO A 13 -47.32 -54.63 4.69
C PRO A 13 -48.19 -53.85 5.67
N LEU A 14 -48.42 -54.46 6.83
CA LEU A 14 -49.12 -53.82 7.93
C LEU A 14 -48.40 -52.54 8.26
N MET A 15 -47.10 -52.67 8.51
CA MET A 15 -46.24 -51.54 8.83
C MET A 15 -46.28 -50.50 7.71
N LEU A 16 -46.37 -50.94 6.46
CA LEU A 16 -46.46 -50.02 5.33
C LEU A 16 -47.71 -49.17 5.41
N LEU A 17 -48.87 -49.82 5.37
CA LEU A 17 -50.14 -49.13 5.51
C LEU A 17 -50.14 -48.19 6.70
N PHE A 18 -49.74 -48.71 7.85
CA PHE A 18 -49.69 -47.92 9.07
C PHE A 18 -48.85 -46.67 8.90
N VAL A 19 -47.62 -46.82 8.41
CA VAL A 19 -46.74 -45.68 8.22
C VAL A 19 -47.36 -44.63 7.31
N GLN A 20 -47.97 -45.07 6.21
CA GLN A 20 -48.65 -44.15 5.31
C GLN A 20 -49.79 -43.38 5.98
N ILE A 21 -50.63 -44.12 6.70
CA ILE A 21 -51.76 -43.54 7.43
C ILE A 21 -51.28 -42.47 8.40
N ILE A 22 -50.36 -42.85 9.28
CA ILE A 22 -49.79 -41.96 10.27
C ILE A 22 -49.03 -40.82 9.60
N ALA A 23 -48.58 -41.03 8.37
CA ALA A 23 -47.92 -39.96 7.63
C ALA A 23 -48.94 -38.91 7.20
N ILE A 24 -50.15 -39.35 6.83
CA ILE A 24 -51.22 -38.42 6.44
C ILE A 24 -51.68 -37.64 7.67
N VAL A 25 -52.05 -38.41 8.69
CA VAL A 25 -52.50 -37.88 9.96
C VAL A 25 -51.45 -36.91 10.48
N LEU A 26 -50.17 -37.15 10.16
CA LEU A 26 -49.17 -36.14 10.47
C LEU A 26 -49.06 -35.03 9.43
N VAL A 27 -49.59 -35.24 8.22
CA VAL A 27 -49.56 -34.18 7.20
C VAL A 27 -50.28 -33.00 7.80
N MET A 28 -51.40 -33.30 8.43
CA MET A 28 -52.22 -32.24 9.03
C MET A 28 -51.46 -31.29 10.02
N PRO A 29 -51.06 -31.78 11.22
CA PRO A 29 -50.55 -30.86 12.25
C PRO A 29 -49.22 -30.17 11.98
N MET A 30 -48.44 -30.70 11.05
CA MET A 30 -47.07 -30.21 10.82
C MET A 30 -47.00 -28.87 10.12
N GLN A 31 -48.09 -28.45 9.49
CA GLN A 31 -48.12 -27.15 8.84
C GLN A 31 -48.58 -26.08 9.81
N ALA A 32 -49.29 -26.50 10.86
CA ALA A 32 -49.66 -25.59 11.95
C ALA A 32 -48.44 -24.99 12.66
N ALA A 33 -47.24 -25.38 12.22
CA ALA A 33 -46.02 -24.67 12.59
C ALA A 33 -44.96 -24.78 11.49
N GLY A 34 -45.44 -24.94 10.26
CA GLY A 34 -44.58 -24.88 9.07
C GLY A 34 -43.71 -26.07 8.70
N LEU A 35 -42.41 -25.96 9.01
CA LEU A 35 -41.40 -27.02 8.83
C LEU A 35 -40.92 -27.00 7.37
N VAL A 36 -40.89 -28.18 6.74
CA VAL A 36 -40.65 -28.34 5.30
C VAL A 36 -39.12 -28.22 5.09
N ALA A 37 -38.69 -28.13 3.82
CA ALA A 37 -37.28 -28.03 3.37
C ALA A 37 -36.68 -29.42 3.18
N PRO A 41 -40.10 -24.71 -2.74
CA PRO A 41 -39.59 -24.65 -4.12
C PRO A 41 -39.68 -26.02 -4.79
N SER A 42 -40.74 -26.27 -5.55
CA SER A 42 -40.83 -27.53 -6.29
C SER A 42 -39.86 -27.55 -7.45
N SER A 43 -38.57 -27.50 -7.12
CA SER A 43 -37.49 -27.61 -8.08
C SER A 43 -37.05 -29.05 -8.20
N VAL A 44 -36.58 -29.43 -9.39
CA VAL A 44 -36.08 -30.78 -9.61
C VAL A 44 -34.68 -30.91 -9.01
N ALA A 45 -34.11 -29.79 -8.60
CA ALA A 45 -32.85 -29.78 -7.89
C ALA A 45 -33.02 -30.19 -6.43
N ASN A 46 -34.26 -30.09 -5.94
CA ASN A 46 -34.57 -30.47 -4.56
C ASN A 46 -34.21 -31.92 -4.25
N PRO A 47 -34.56 -32.88 -5.13
CA PRO A 47 -34.08 -34.24 -4.91
C PRO A 47 -32.54 -34.33 -4.78
N LEU A 48 -31.83 -33.56 -5.60
CA LEU A 48 -30.37 -33.53 -5.54
C LEU A 48 -29.85 -32.99 -4.21
N ILE A 49 -30.39 -31.86 -3.77
CA ILE A 49 -30.07 -31.32 -2.45
C ILE A 49 -30.35 -32.35 -1.35
N PHE A 50 -31.45 -33.08 -1.52
CA PHE A 50 -31.89 -34.11 -0.58
C PHE A 50 -30.77 -35.12 -0.49
N ILE A 51 -30.46 -35.72 -1.64
CA ILE A 51 -29.46 -36.78 -1.74
C ILE A 51 -28.12 -36.34 -1.14
N GLY A 52 -27.56 -35.23 -1.61
CA GLY A 52 -26.33 -34.70 -1.04
C GLY A 52 -26.36 -34.52 0.47
N MET A 53 -27.44 -33.96 0.98
CA MET A 53 -27.58 -33.76 2.42
C MET A 53 -27.60 -35.11 3.13
N LEU A 54 -28.19 -36.10 2.47
CA LEU A 54 -28.22 -37.46 2.99
C LEU A 54 -26.80 -37.99 3.10
N LEU A 55 -26.00 -37.73 2.07
CA LEU A 55 -24.58 -38.11 2.06
C LEU A 55 -23.82 -37.47 3.22
N ALA A 56 -24.18 -36.23 3.54
CA ALA A 56 -23.56 -35.54 4.66
C ALA A 56 -24.00 -36.18 5.98
N PHE A 57 -25.25 -36.60 6.01
CA PHE A 57 -25.84 -37.26 7.17
C PHE A 57 -25.10 -38.56 7.46
N THR A 58 -24.90 -39.37 6.44
CA THR A 58 -24.15 -40.62 6.63
C THR A 58 -22.72 -40.28 7.04
N LEU A 59 -22.01 -39.45 6.29
CA LEU A 59 -20.64 -39.08 6.65
C LEU A 59 -20.52 -38.72 8.13
N VAL A 60 -21.49 -37.94 8.62
CA VAL A 60 -21.51 -37.54 10.01
C VAL A 60 -21.68 -38.77 10.91
N LEU A 61 -22.68 -39.60 10.59
CA LEU A 61 -22.96 -40.79 11.39
C LEU A 61 -21.73 -41.71 11.46
N LEU A 62 -21.01 -41.85 10.34
CA LEU A 62 -19.85 -42.73 10.27
C LEU A 62 -18.66 -42.16 11.02
N VAL A 63 -18.36 -40.89 10.82
CA VAL A 63 -17.22 -40.30 11.54
C VAL A 63 -17.54 -40.36 13.03
N LEU A 64 -18.82 -40.29 13.35
CA LEU A 64 -19.29 -40.44 14.72
C LEU A 64 -19.04 -41.85 15.25
N LEU A 65 -19.34 -42.85 14.43
CA LEU A 65 -19.16 -44.25 14.84
C LEU A 65 -17.69 -44.66 14.98
N ARG A 66 -16.89 -44.37 13.97
CA ARG A 66 -15.47 -44.66 14.00
C ARG A 66 -14.71 -43.89 15.10
N THR A 67 -15.29 -42.78 15.56
CA THR A 67 -14.68 -42.02 16.67
C THR A 67 -15.31 -42.37 18.01
N GLY A 68 -16.24 -43.32 18.01
CA GLY A 68 -16.88 -43.79 19.22
C GLY A 68 -15.92 -44.19 20.33
N GLY A 69 -16.37 -44.06 21.57
CA GLY A 69 -17.73 -43.60 21.83
C GLY A 69 -18.66 -44.75 22.15
N ARG A 70 -18.33 -45.52 23.18
CA ARG A 70 -19.06 -46.74 23.53
C ARG A 70 -20.55 -46.50 23.66
N ARG A 71 -20.92 -45.48 24.43
CA ARG A 71 -22.31 -45.06 24.49
C ARG A 71 -22.44 -43.59 24.11
N PHE A 72 -21.31 -42.97 23.76
CA PHE A 72 -21.36 -41.64 23.17
C PHE A 72 -22.15 -41.71 21.88
N ILE A 73 -22.00 -42.81 21.16
CA ILE A 73 -22.65 -42.95 19.86
C ILE A 73 -24.12 -43.11 20.17
N ALA A 74 -24.37 -43.93 21.19
CA ALA A 74 -25.71 -44.19 21.71
C ALA A 74 -26.33 -42.90 22.21
N ALA A 75 -25.48 -42.02 22.73
CA ALA A 75 -25.93 -40.75 23.27
C ALA A 75 -26.38 -39.86 22.12
N PHE A 76 -25.44 -39.53 21.24
CA PHE A 76 -25.68 -38.77 20.02
C PHE A 76 -26.95 -39.20 19.25
N ILE A 77 -27.11 -40.50 18.98
CA ILE A 77 -28.33 -40.97 18.33
C ILE A 77 -29.55 -40.90 19.24
N GLY A 78 -29.35 -41.13 20.54
CA GLY A 78 -30.45 -41.10 21.49
C GLY A 78 -31.06 -39.70 21.49
N PHE A 79 -30.17 -38.71 21.42
CA PHE A 79 -30.54 -37.30 21.37
C PHE A 79 -31.25 -37.00 20.06
N ALA A 80 -30.65 -37.39 18.94
CA ALA A 80 -31.30 -37.21 17.64
C ALA A 80 -32.73 -37.76 17.64
N LEU A 81 -32.89 -38.95 18.22
CA LEU A 81 -34.19 -39.61 18.36
C LEU A 81 -35.12 -38.74 19.18
N PHE A 82 -34.62 -38.33 20.34
CA PHE A 82 -35.38 -37.54 21.29
C PHE A 82 -35.96 -36.31 20.60
N MET A 83 -35.12 -35.65 19.80
CA MET A 83 -35.52 -34.45 19.09
C MET A 83 -36.59 -34.75 18.04
N THR A 84 -36.35 -35.75 17.20
CA THR A 84 -37.33 -36.06 16.16
C THR A 84 -38.68 -36.46 16.76
N PHE A 85 -38.64 -37.05 17.94
CA PHE A 85 -39.85 -37.39 18.66
C PHE A 85 -40.49 -36.15 19.24
N LEU A 86 -39.67 -35.19 19.65
CA LEU A 86 -40.17 -33.89 20.06
C LEU A 86 -40.96 -33.24 18.93
N TYR A 87 -40.39 -33.24 17.73
CA TYR A 87 -41.13 -32.71 16.59
C TYR A 87 -42.43 -33.47 16.32
N ILE A 88 -42.39 -34.80 16.42
CA ILE A 88 -43.61 -35.58 16.22
C ILE A 88 -44.74 -35.22 17.20
N PHE A 89 -44.43 -35.37 18.48
CA PHE A 89 -45.36 -35.13 19.57
C PHE A 89 -45.79 -33.68 19.60
N GLY A 90 -44.80 -32.81 19.71
CA GLY A 90 -44.96 -31.37 19.49
C GLY A 90 -46.02 -31.08 18.45
N ALA A 91 -45.83 -31.57 17.23
CA ALA A 91 -46.79 -31.32 16.15
C ALA A 91 -48.18 -31.80 16.57
N LEU A 92 -48.23 -32.96 17.22
CA LEU A 92 -49.51 -33.52 17.65
C LEU A 92 -50.26 -32.58 18.59
N SER A 93 -49.72 -32.33 19.78
CA SER A 93 -50.43 -31.51 20.76
C SER A 93 -50.63 -30.08 20.28
N LEU A 94 -49.66 -29.55 19.54
CA LEU A 94 -49.72 -28.16 19.08
C LEU A 94 -50.85 -27.99 18.07
N LEU A 95 -51.18 -29.03 17.33
CA LEU A 95 -52.47 -28.97 16.63
C LEU A 95 -53.63 -29.29 17.57
N ALA A 96 -53.40 -30.15 18.55
CA ALA A 96 -54.46 -30.57 19.46
C ALA A 96 -54.86 -29.41 20.38
N LEU A 97 -54.33 -29.46 21.60
CA LEU A 97 -54.60 -28.42 22.60
C LEU A 97 -54.06 -27.06 22.19
N GLY A 98 -53.29 -27.05 21.10
CA GLY A 98 -52.68 -25.83 20.58
C GLY A 98 -51.64 -25.23 21.51
N PRO A 99 -51.17 -24.01 21.19
CA PRO A 99 -50.11 -23.23 21.87
C PRO A 99 -50.05 -23.30 23.40
N THR A 100 -50.89 -24.11 24.05
CA THR A 100 -50.94 -24.13 25.52
C THR A 100 -49.69 -24.77 26.10
N THR A 101 -49.33 -24.32 27.31
CA THR A 101 -48.21 -24.87 28.07
C THR A 101 -48.34 -26.36 28.36
N ALA A 102 -49.57 -26.81 28.66
CA ALA A 102 -49.80 -28.21 29.01
C ALA A 102 -49.67 -29.11 27.79
N ALA A 103 -49.88 -28.54 26.61
CA ALA A 103 -49.72 -29.29 25.37
C ALA A 103 -48.24 -29.52 25.12
N ALA A 104 -47.47 -28.44 25.11
CA ALA A 104 -46.03 -28.52 24.84
C ALA A 104 -45.37 -29.42 25.88
N ALA A 105 -45.56 -29.09 27.16
CA ALA A 105 -45.01 -29.90 28.24
C ALA A 105 -45.46 -31.35 28.08
N GLY A 106 -46.70 -31.52 27.61
CA GLY A 106 -47.23 -32.82 27.28
C GLY A 106 -46.34 -33.57 26.30
N THR A 107 -45.89 -32.88 25.26
CA THR A 107 -45.05 -33.52 24.26
C THR A 107 -43.63 -33.76 24.71
N LEU A 108 -43.10 -32.85 25.53
CA LEU A 108 -41.76 -33.06 26.06
C LEU A 108 -41.76 -34.30 26.95
N ILE A 109 -42.70 -34.34 27.90
CA ILE A 109 -42.84 -35.49 28.79
C ILE A 109 -43.08 -36.77 27.97
N GLY A 110 -43.88 -36.64 26.91
CA GLY A 110 -44.16 -37.74 26.02
C GLY A 110 -42.90 -38.31 25.39
N ALA A 111 -42.10 -37.44 24.80
CA ALA A 111 -40.90 -37.87 24.10
C ALA A 111 -39.85 -38.40 25.07
N VAL A 112 -39.78 -37.82 26.26
CA VAL A 112 -38.86 -38.33 27.26
C VAL A 112 -39.27 -39.76 27.59
N ALA A 113 -40.58 -39.95 27.79
CA ALA A 113 -41.13 -41.25 28.13
C ALA A 113 -40.78 -42.27 27.07
N VAL A 114 -41.11 -41.93 25.82
CA VAL A 114 -40.93 -42.83 24.68
C VAL A 114 -39.46 -43.20 24.48
N THR A 115 -38.59 -42.19 24.44
CA THR A 115 -37.18 -42.45 24.17
C THR A 115 -36.56 -43.26 25.32
N ALA A 116 -36.92 -42.90 26.55
CA ALA A 116 -36.43 -43.62 27.70
C ALA A 116 -36.85 -45.08 27.64
N LEU A 117 -38.10 -45.29 27.23
CA LEU A 117 -38.66 -46.62 27.10
C LEU A 117 -37.81 -47.40 26.10
N LEU A 118 -37.64 -46.83 24.91
CA LEU A 118 -36.86 -47.50 23.86
C LEU A 118 -35.43 -47.83 24.30
N TYR A 119 -34.84 -46.96 25.13
CA TYR A 119 -33.49 -47.26 25.61
C TYR A 119 -33.44 -48.25 26.77
N LEU A 120 -34.58 -48.46 27.44
CA LEU A 120 -34.57 -49.36 28.59
C LEU A 120 -34.95 -50.80 28.23
N TYR A 121 -34.58 -51.24 27.03
CA TYR A 121 -34.91 -52.59 26.57
C TYR A 121 -36.41 -52.86 26.67
N PRO A 122 -37.20 -52.30 25.75
CA PRO A 122 -38.66 -52.29 25.86
C PRO A 122 -39.33 -53.65 25.67
N GLU A 123 -40.17 -53.78 24.65
CA GLU A 123 -40.87 -55.03 24.38
C GLU A 123 -40.58 -55.54 22.98
N TRP A 124 -39.94 -54.67 22.19
CA TRP A 124 -39.41 -54.97 20.87
C TRP A 124 -40.39 -55.60 19.87
N TYR A 125 -41.68 -55.62 20.21
CA TYR A 125 -42.72 -55.38 19.21
C TYR A 125 -42.85 -53.86 19.17
N VAL A 126 -42.61 -53.27 20.33
CA VAL A 126 -42.56 -51.83 20.53
C VAL A 126 -41.64 -51.17 19.53
N ILE A 127 -40.46 -51.76 19.33
CA ILE A 127 -39.48 -51.24 18.38
C ILE A 127 -40.11 -51.07 17.01
N ASP A 128 -40.84 -52.08 16.53
CA ASP A 128 -41.45 -51.99 15.22
C ASP A 128 -42.43 -50.82 15.17
N ILE A 129 -43.23 -50.70 16.23
CA ILE A 129 -44.24 -49.65 16.37
C ILE A 129 -43.60 -48.25 16.30
N LEU A 130 -42.54 -48.02 17.09
CA LEU A 130 -41.82 -46.76 17.11
C LEU A 130 -41.16 -46.50 15.76
N GLY A 131 -40.60 -47.55 15.17
CA GLY A 131 -40.02 -47.47 13.86
C GLY A 131 -41.07 -46.93 12.91
N VAL A 132 -42.30 -47.41 13.08
CA VAL A 132 -43.43 -46.97 12.26
C VAL A 132 -43.72 -45.49 12.52
N LEU A 133 -43.67 -45.09 13.79
CA LEU A 133 -43.90 -43.70 14.15
C LEU A 133 -42.89 -42.78 13.47
N ILE A 134 -41.62 -42.92 13.84
CA ILE A 134 -40.50 -42.23 13.21
C ILE A 134 -40.60 -42.16 11.69
N SER A 135 -40.74 -43.34 11.09
CA SER A 135 -40.75 -43.47 9.63
C SER A 135 -41.87 -42.63 9.04
N ALA A 136 -43.07 -42.77 9.62
CA ALA A 136 -44.22 -41.97 9.21
C ALA A 136 -43.88 -40.50 9.34
N GLY A 137 -43.15 -40.16 10.41
CA GLY A 137 -42.74 -38.79 10.66
C GLY A 137 -41.95 -38.22 9.50
N VAL A 138 -40.83 -38.88 9.18
CA VAL A 138 -39.94 -38.43 8.11
C VAL A 138 -40.71 -38.34 6.80
N ALA A 139 -41.51 -39.38 6.56
CA ALA A 139 -42.33 -39.51 5.35
C ALA A 139 -43.20 -38.27 5.21
N SER A 140 -43.86 -37.94 6.30
CA SER A 140 -44.71 -36.76 6.39
C SER A 140 -43.90 -35.51 6.08
N ILE A 141 -42.76 -35.35 6.73
CA ILE A 141 -41.96 -34.13 6.55
C ILE A 141 -41.63 -33.92 5.07
N PHE A 142 -40.98 -34.89 4.44
CA PHE A 142 -40.55 -34.68 3.05
C PHE A 142 -41.72 -34.66 2.08
N GLY A 143 -42.75 -35.44 2.38
CA GLY A 143 -43.96 -35.46 1.58
C GLY A 143 -44.68 -34.13 1.58
N ILE A 144 -44.65 -33.47 2.74
CA ILE A 144 -45.20 -32.14 2.92
C ILE A 144 -44.29 -31.21 2.15
N SER A 145 -43.00 -31.49 2.24
CA SER A 145 -42.03 -30.77 1.42
C SER A 145 -42.31 -31.20 -0.02
N LEU A 146 -41.53 -30.68 -0.95
CA LEU A 146 -42.08 -30.27 -2.23
C LEU A 146 -42.61 -31.41 -3.11
N GLU A 147 -43.07 -31.05 -4.30
CA GLU A 147 -44.20 -31.70 -4.98
C GLU A 147 -43.79 -33.00 -5.69
N PRO A 148 -44.78 -33.76 -6.22
CA PRO A 148 -44.52 -35.04 -6.88
C PRO A 148 -43.34 -35.07 -7.85
N LEU A 149 -43.46 -34.63 -9.10
CA LEU A 149 -42.40 -34.77 -10.11
C LEU A 149 -40.94 -34.72 -9.57
N PRO A 150 -40.62 -33.76 -8.69
CA PRO A 150 -39.34 -33.91 -7.97
C PRO A 150 -39.23 -35.20 -7.14
N VAL A 151 -40.25 -35.53 -6.36
CA VAL A 151 -40.28 -36.77 -5.59
C VAL A 151 -40.14 -37.98 -6.54
N LEU A 152 -40.89 -37.96 -7.63
CA LEU A 152 -40.83 -39.00 -8.66
C LEU A 152 -39.41 -39.23 -9.16
N VAL A 153 -38.73 -38.12 -9.45
CA VAL A 153 -37.34 -38.15 -9.89
C VAL A 153 -36.49 -38.77 -8.80
N LEU A 154 -36.70 -38.31 -7.56
CA LEU A 154 -35.91 -38.77 -6.42
C LEU A 154 -36.02 -40.29 -6.30
N LEU A 155 -37.26 -40.77 -6.31
CA LEU A 155 -37.59 -42.17 -6.21
C LEU A 155 -36.89 -43.00 -7.29
N VAL A 156 -37.07 -42.61 -8.55
CA VAL A 156 -36.50 -43.38 -9.66
C VAL A 156 -34.97 -43.40 -9.57
N LEU A 157 -34.42 -42.27 -9.19
CA LEU A 157 -32.98 -42.12 -8.99
C LEU A 157 -32.48 -43.12 -7.95
N LEU A 158 -33.08 -43.05 -6.76
CA LEU A 158 -32.66 -43.86 -5.63
C LEU A 158 -32.77 -45.33 -6.00
N ALA A 159 -33.88 -45.69 -6.65
CA ALA A 159 -34.13 -47.05 -7.09
C ALA A 159 -32.98 -47.52 -7.99
N VAL A 160 -32.58 -46.66 -8.92
CA VAL A 160 -31.49 -46.99 -9.84
C VAL A 160 -30.20 -47.24 -9.07
N TYR A 161 -29.89 -46.34 -8.13
CA TYR A 161 -28.73 -46.50 -7.27
C TYR A 161 -28.75 -47.87 -6.60
N ASP A 162 -29.91 -48.20 -6.03
CA ASP A 162 -30.11 -49.45 -5.31
C ASP A 162 -29.74 -50.61 -6.21
N ALA A 163 -30.47 -50.73 -7.33
CA ALA A 163 -30.24 -51.84 -8.25
C ALA A 163 -28.78 -51.94 -8.69
N ILE A 164 -28.12 -50.80 -8.86
CA ILE A 164 -26.68 -50.83 -9.14
C ILE A 164 -25.93 -51.48 -7.99
N SER A 165 -26.26 -51.09 -6.76
CA SER A 165 -25.53 -51.56 -5.58
C SER A 165 -25.69 -53.06 -5.37
N VAL A 166 -26.94 -53.52 -5.49
CA VAL A 166 -27.26 -54.94 -5.33
C VAL A 166 -26.58 -55.74 -6.41
N TYR A 167 -26.75 -55.32 -7.67
CA TYR A 167 -26.19 -56.08 -8.77
C TYR A 167 -24.67 -56.17 -8.57
N ARG A 168 -24.06 -55.06 -8.14
CA ARG A 168 -22.62 -55.03 -7.86
C ARG A 168 -22.15 -56.03 -6.81
N THR A 169 -22.73 -56.00 -5.61
CA THR A 169 -22.21 -56.87 -4.55
C THR A 169 -22.59 -58.33 -4.79
N LYS A 170 -23.67 -58.52 -5.54
CA LYS A 170 -24.12 -59.86 -5.86
C LYS A 170 -23.16 -60.46 -6.88
N HIS A 171 -22.87 -59.70 -7.93
CA HIS A 171 -21.84 -60.08 -8.90
C HIS A 171 -20.50 -60.29 -8.19
N MET A 172 -20.31 -59.61 -7.06
CA MET A 172 -19.05 -59.73 -6.32
C MET A 172 -19.10 -61.01 -5.49
N ILE A 173 -20.29 -61.54 -5.29
CA ILE A 173 -20.41 -62.87 -4.69
C ILE A 173 -20.05 -63.85 -5.81
N THR A 174 -20.73 -63.74 -6.96
CA THR A 174 -20.55 -64.69 -8.07
C THR A 174 -19.14 -64.64 -8.64
N LEU A 175 -18.36 -63.66 -8.21
CA LEU A 175 -16.96 -63.54 -8.61
C LEU A 175 -16.01 -64.23 -7.63
N ALA A 176 -16.22 -64.01 -6.34
CA ALA A 176 -15.28 -64.46 -5.31
C ALA A 176 -15.27 -65.98 -5.06
N GLU A 177 -15.58 -66.77 -6.10
CA GLU A 177 -15.36 -68.21 -6.01
C GLU A 177 -14.40 -68.70 -7.08
N GLY A 178 -14.62 -68.30 -8.33
CA GLY A 178 -13.76 -68.77 -9.41
C GLY A 178 -14.01 -68.19 -10.79
N VAL A 179 -15.15 -67.51 -10.95
CA VAL A 179 -15.44 -66.85 -12.22
C VAL A 179 -14.64 -65.55 -12.35
N GLY A 212 -29.02 -53.09 13.14
CA GLY A 212 -28.73 -51.96 12.27
C GLY A 212 -29.48 -52.05 10.95
N ALA A 213 -29.94 -53.25 10.63
CA ALA A 213 -30.69 -53.50 9.40
C ALA A 213 -32.04 -52.76 9.39
N PHE A 214 -32.58 -52.54 10.58
CA PHE A 214 -33.90 -51.95 10.72
C PHE A 214 -33.91 -50.56 10.10
N VAL A 215 -32.84 -49.80 10.31
CA VAL A 215 -32.68 -48.48 9.70
C VAL A 215 -33.00 -48.51 8.21
N MET A 216 -32.34 -49.42 7.48
CA MET A 216 -32.55 -49.59 6.05
C MET A 216 -33.98 -50.09 5.77
N GLY A 217 -34.49 -50.94 6.65
CA GLY A 217 -35.82 -51.50 6.50
C GLY A 217 -36.87 -50.40 6.57
N MET A 218 -37.15 -49.91 7.77
CA MET A 218 -38.08 -48.80 7.96
C MET A 218 -37.79 -47.64 7.00
N GLY A 219 -36.51 -47.36 6.71
CA GLY A 219 -36.19 -46.37 5.69
C GLY A 219 -36.79 -46.61 4.30
N ASP A 220 -36.78 -47.87 3.85
CA ASP A 220 -37.34 -48.10 2.53
C ASP A 220 -38.85 -48.21 2.66
N LEU A 221 -39.28 -48.50 3.89
CA LEU A 221 -40.68 -48.41 4.25
C LEU A 221 -41.15 -46.97 4.00
N ILE A 222 -40.29 -46.02 4.38
CA ILE A 222 -40.53 -44.59 4.18
C ILE A 222 -40.59 -44.15 2.73
N MET A 223 -39.58 -44.56 1.94
CA MET A 223 -39.38 -43.95 0.61
C MET A 223 -40.63 -43.75 -0.28
N PRO A 224 -41.41 -44.82 -0.57
CA PRO A 224 -42.55 -44.61 -1.49
C PRO A 224 -43.70 -43.85 -0.82
N SER A 225 -43.75 -43.97 0.50
CA SER A 225 -44.77 -43.30 1.27
C SER A 225 -44.60 -41.80 1.13
N ILE A 226 -43.36 -41.34 0.98
CA ILE A 226 -43.12 -39.92 0.81
C ILE A 226 -43.85 -39.44 -0.45
N LEU A 227 -43.93 -40.31 -1.45
CA LEU A 227 -44.68 -40.04 -2.67
C LEU A 227 -46.18 -40.16 -2.40
N VAL A 228 -46.53 -40.90 -1.36
CA VAL A 228 -47.93 -41.07 -1.02
C VAL A 228 -48.44 -39.77 -0.39
N VAL A 229 -47.63 -39.20 0.50
CA VAL A 229 -47.91 -37.90 1.09
C VAL A 229 -47.92 -36.83 0.00
N SER A 230 -46.76 -36.59 -0.62
CA SER A 230 -46.65 -35.59 -1.68
C SER A 230 -47.53 -35.96 -2.87
N SER A 231 -48.85 -35.90 -2.67
CA SER A 231 -49.85 -36.25 -3.67
C SER A 231 -51.24 -35.94 -3.10
N HIS A 232 -51.43 -36.34 -1.85
CA HIS A 232 -52.55 -35.85 -1.06
C HIS A 232 -52.28 -34.43 -0.56
N VAL A 233 -51.00 -34.10 -0.40
CA VAL A 233 -50.60 -32.72 -0.14
C VAL A 233 -50.74 -31.78 -1.35
N PHE A 234 -50.45 -32.25 -2.57
CA PHE A 234 -50.72 -31.42 -3.74
C PHE A 234 -52.22 -31.34 -4.00
N LEU A 244 -61.72 -41.97 1.66
CA LEU A 244 -61.45 -40.74 2.41
C LEU A 244 -60.39 -39.90 1.74
N SER A 245 -59.49 -40.56 1.01
CA SER A 245 -58.35 -39.89 0.40
C SER A 245 -58.64 -39.56 -1.06
N ALA A 246 -57.58 -39.32 -1.82
CA ALA A 246 -57.73 -38.85 -3.20
C ALA A 246 -57.88 -40.04 -4.17
N PRO A 247 -57.49 -39.86 -5.45
CA PRO A 247 -56.96 -41.01 -6.20
C PRO A 247 -55.46 -41.20 -5.99
N THR A 248 -55.06 -41.21 -4.72
CA THR A 248 -53.67 -41.47 -4.36
C THR A 248 -53.66 -42.64 -3.37
N LEU A 249 -54.85 -43.15 -3.09
CA LEU A 249 -55.00 -44.51 -2.57
C LEU A 249 -54.19 -45.41 -3.50
N GLY A 250 -54.39 -45.21 -4.79
CA GLY A 250 -53.74 -45.96 -5.85
C GLY A 250 -52.25 -46.16 -5.61
N ALA A 251 -51.55 -45.09 -5.29
CA ALA A 251 -50.14 -45.18 -4.93
C ALA A 251 -49.91 -46.07 -3.71
N MET A 252 -50.79 -45.99 -2.72
CA MET A 252 -50.66 -46.79 -1.50
C MET A 252 -50.82 -48.30 -1.76
N VAL A 253 -51.84 -48.66 -2.53
CA VAL A 253 -52.05 -50.06 -2.88
C VAL A 253 -50.94 -50.55 -3.79
N GLY A 254 -50.57 -49.74 -4.76
CA GLY A 254 -49.50 -50.11 -5.69
C GLY A 254 -48.20 -50.33 -4.93
N SER A 255 -48.02 -49.56 -3.87
CA SER A 255 -46.85 -49.72 -3.01
C SER A 255 -46.95 -51.02 -2.23
N LEU A 256 -48.17 -51.38 -1.84
CA LEU A 256 -48.36 -52.63 -1.12
C LEU A 256 -48.10 -53.81 -2.05
N VAL A 257 -48.47 -53.67 -3.32
CA VAL A 257 -48.28 -54.73 -4.29
C VAL A 257 -46.79 -54.86 -4.62
N GLY A 258 -46.10 -53.73 -4.62
CA GLY A 258 -44.65 -53.75 -4.79
C GLY A 258 -44.05 -54.55 -3.66
N LEU A 259 -44.48 -54.22 -2.45
CA LEU A 259 -44.02 -54.94 -1.26
C LEU A 259 -44.37 -56.41 -1.36
N ALA A 260 -45.50 -56.72 -1.99
CA ALA A 260 -45.91 -58.10 -2.19
C ALA A 260 -44.91 -58.84 -3.06
N VAL A 261 -44.59 -58.27 -4.22
CA VAL A 261 -43.58 -58.82 -5.11
C VAL A 261 -42.25 -59.00 -4.36
N LEU A 262 -41.95 -58.03 -3.52
CA LEU A 262 -40.71 -58.01 -2.75
C LEU A 262 -40.66 -59.17 -1.77
N LEU A 263 -41.66 -59.29 -0.91
CA LEU A 263 -41.67 -60.34 0.11
C LEU A 263 -41.90 -61.70 -0.54
N TYR A 264 -42.34 -61.68 -1.80
CA TYR A 264 -42.48 -62.89 -2.58
C TYR A 264 -41.11 -63.41 -2.97
N PHE A 265 -40.36 -62.57 -3.68
CA PHE A 265 -39.03 -62.92 -4.15
C PHE A 265 -38.06 -63.16 -2.99
N VAL A 266 -38.23 -62.40 -1.90
CA VAL A 266 -37.43 -62.59 -0.70
C VAL A 266 -37.70 -63.96 -0.07
N ASN A 267 -38.97 -64.38 -0.09
CA ASN A 267 -39.32 -65.72 0.35
C ASN A 267 -39.11 -66.76 -0.75
N LYS A 268 -38.39 -66.39 -1.79
CA LYS A 268 -37.91 -67.35 -2.77
C LYS A 268 -36.39 -67.37 -2.71
N GLY A 269 -35.79 -68.42 -3.25
CA GLY A 269 -34.34 -68.53 -3.29
C GLY A 269 -33.74 -67.64 -4.37
N ASN A 270 -32.64 -66.98 -4.03
CA ASN A 270 -31.86 -66.12 -4.94
C ASN A 270 -32.45 -64.72 -5.13
N PRO A 271 -32.15 -63.82 -4.17
CA PRO A 271 -32.79 -62.52 -3.91
C PRO A 271 -32.65 -61.50 -5.04
N GLN A 272 -33.31 -60.36 -4.85
CA GLN A 272 -33.36 -59.27 -5.83
C GLN A 272 -33.32 -57.92 -5.10
N ALA A 273 -33.67 -56.84 -5.80
CA ALA A 273 -33.02 -55.55 -5.58
C ALA A 273 -33.65 -54.76 -4.44
N GLY A 274 -34.98 -54.72 -4.36
CA GLY A 274 -35.61 -53.94 -3.32
C GLY A 274 -36.47 -52.75 -3.71
N LEU A 275 -35.84 -51.59 -3.83
CA LEU A 275 -36.50 -50.37 -4.29
C LEU A 275 -37.36 -50.47 -5.56
N PRO A 276 -36.83 -50.99 -6.68
CA PRO A 276 -37.72 -50.98 -7.85
C PRO A 276 -39.11 -51.64 -7.69
N PRO A 277 -39.24 -52.69 -6.87
CA PRO A 277 -40.64 -53.07 -6.59
C PRO A 277 -41.45 -52.04 -5.78
N LEU A 278 -40.90 -51.52 -4.69
CA LEU A 278 -41.66 -50.60 -3.84
C LEU A 278 -41.92 -49.25 -4.51
N ASN A 279 -40.85 -48.59 -4.94
CA ASN A 279 -40.98 -47.36 -5.71
C ASN A 279 -41.70 -47.58 -7.04
N GLY A 280 -41.19 -48.50 -7.87
CA GLY A 280 -41.82 -48.76 -9.15
C GLY A 280 -43.30 -49.12 -9.06
N GLY A 281 -43.68 -49.72 -7.93
CA GLY A 281 -45.05 -50.14 -7.71
C GLY A 281 -45.93 -49.03 -7.16
N ALA A 282 -45.35 -48.20 -6.30
CA ALA A 282 -46.04 -47.03 -5.78
C ALA A 282 -46.28 -46.03 -6.89
N ILE A 283 -45.25 -45.81 -7.70
CA ILE A 283 -45.36 -45.05 -8.94
C ILE A 283 -46.38 -45.66 -9.90
N LEU A 284 -46.36 -46.99 -10.03
CA LEU A 284 -47.37 -47.66 -10.86
C LEU A 284 -48.79 -47.33 -10.41
N GLY A 285 -49.03 -47.43 -9.10
CA GLY A 285 -50.34 -47.21 -8.54
C GLY A 285 -50.78 -45.76 -8.63
N PHE A 286 -49.83 -44.87 -8.35
CA PHE A 286 -50.02 -43.43 -8.45
C PHE A 286 -50.41 -43.00 -9.86
N LEU A 287 -49.66 -43.47 -10.85
CA LEU A 287 -49.98 -43.19 -12.24
C LEU A 287 -51.29 -43.88 -12.66
N VAL A 288 -51.62 -44.97 -11.97
CA VAL A 288 -52.92 -45.61 -12.17
C VAL A 288 -54.00 -44.69 -11.58
N GLY A 289 -53.63 -43.96 -10.53
CA GLY A 289 -54.51 -43.03 -9.85
C GLY A 289 -54.58 -41.69 -10.55
N ALA A 290 -54.03 -41.65 -11.76
CA ALA A 290 -54.15 -40.48 -12.63
C ALA A 290 -55.15 -40.82 -13.72
N ALA A 291 -55.02 -42.03 -14.26
CA ALA A 291 -55.97 -42.55 -15.24
C ALA A 291 -57.38 -42.74 -14.66
N LEU A 292 -57.55 -42.37 -13.40
CA LEU A 292 -58.85 -42.42 -12.74
C LEU A 292 -59.51 -41.05 -12.71
N ALA A 293 -58.69 -40.02 -12.48
CA ALA A 293 -59.20 -38.66 -12.38
C ALA A 293 -58.10 -37.63 -12.62
N LEU B 7 -2.20 -50.01 -32.73
CA LEU B 7 -3.37 -49.20 -33.08
C LEU B 7 -3.79 -48.17 -32.02
N PRO B 8 -3.72 -48.51 -30.72
CA PRO B 8 -4.02 -47.41 -29.79
C PRO B 8 -2.96 -46.30 -29.80
N LEU B 9 -1.79 -46.60 -30.37
CA LEU B 9 -0.77 -45.59 -30.66
C LEU B 9 -1.33 -44.33 -31.31
N LEU B 10 -2.44 -44.49 -32.03
CA LEU B 10 -3.21 -43.35 -32.52
C LEU B 10 -4.36 -43.09 -31.58
N GLY B 11 -4.81 -44.14 -30.90
CA GLY B 11 -5.95 -44.09 -30.02
C GLY B 11 -5.88 -42.96 -29.01
N MET B 12 -4.79 -42.88 -28.26
CA MET B 12 -4.72 -41.87 -27.20
C MET B 12 -4.59 -40.43 -27.76
N PRO B 13 -3.85 -40.25 -28.87
CA PRO B 13 -3.93 -38.94 -29.53
C PRO B 13 -5.33 -38.63 -30.03
N LEU B 14 -6.01 -39.66 -30.54
CA LEU B 14 -7.40 -39.56 -30.95
C LEU B 14 -8.20 -39.05 -29.75
N MET B 15 -7.95 -39.66 -28.60
CA MET B 15 -8.63 -39.30 -27.35
C MET B 15 -8.46 -37.81 -27.06
N LEU B 16 -7.25 -37.32 -27.30
CA LEU B 16 -6.98 -35.90 -27.09
C LEU B 16 -7.80 -35.07 -28.07
N LEU B 17 -7.57 -35.27 -29.37
CA LEU B 17 -8.30 -34.55 -30.42
C LEU B 17 -9.79 -34.45 -30.17
N PHE B 18 -10.40 -35.59 -29.85
CA PHE B 18 -11.80 -35.64 -29.49
C PHE B 18 -12.12 -34.77 -28.29
N VAL B 19 -11.37 -34.91 -27.19
CA VAL B 19 -11.66 -34.10 -26.01
C VAL B 19 -11.65 -32.60 -26.31
N GLN B 20 -10.64 -32.18 -27.07
CA GLN B 20 -10.51 -30.79 -27.50
C GLN B 20 -11.71 -30.33 -28.32
N ILE B 21 -12.07 -31.15 -29.31
CA ILE B 21 -13.22 -30.89 -30.16
C ILE B 21 -14.50 -30.74 -29.35
N ILE B 22 -14.86 -31.75 -28.55
CA ILE B 22 -16.08 -31.68 -27.77
C ILE B 22 -16.04 -30.54 -26.75
N ALA B 23 -14.84 -30.11 -26.35
CA ALA B 23 -14.72 -29.00 -25.42
C ALA B 23 -15.11 -27.70 -26.13
N ILE B 24 -14.76 -27.63 -27.41
CA ILE B 24 -15.10 -26.46 -28.19
C ILE B 24 -16.60 -26.49 -28.46
N VAL B 25 -17.10 -27.63 -28.91
CA VAL B 25 -18.53 -27.78 -29.17
C VAL B 25 -19.34 -27.37 -27.93
N LEU B 26 -18.79 -27.64 -26.75
CA LEU B 26 -19.48 -27.31 -25.51
C LEU B 26 -19.32 -25.84 -25.13
N VAL B 27 -18.33 -25.16 -25.70
CA VAL B 27 -18.05 -23.77 -25.31
C VAL B 27 -19.27 -22.85 -25.47
N MET B 28 -19.94 -22.93 -26.61
CA MET B 28 -21.12 -22.11 -26.88
C MET B 28 -22.23 -22.31 -25.82
N PRO B 29 -22.79 -23.53 -25.69
CA PRO B 29 -23.87 -23.66 -24.70
C PRO B 29 -23.41 -23.44 -23.26
N MET B 30 -22.11 -23.51 -23.01
CA MET B 30 -21.58 -23.41 -21.65
C MET B 30 -21.67 -22.03 -21.04
N GLN B 31 -21.61 -20.99 -21.85
CA GLN B 31 -21.73 -19.64 -21.33
C GLN B 31 -23.18 -19.17 -21.29
N ALA B 32 -24.11 -20.07 -21.54
CA ALA B 32 -25.52 -19.80 -21.27
C ALA B 32 -25.74 -19.72 -19.77
N ALA B 33 -24.71 -20.08 -19.01
CA ALA B 33 -24.61 -19.77 -17.58
C ALA B 33 -23.14 -19.79 -17.18
N GLY B 34 -22.57 -20.98 -17.05
CA GLY B 34 -21.14 -21.14 -16.84
C GLY B 34 -20.63 -20.69 -15.48
N LEU B 35 -19.85 -19.62 -15.49
CA LEU B 35 -19.54 -18.82 -14.30
C LEU B 35 -18.68 -19.57 -13.26
N VAL B 36 -17.39 -19.66 -13.52
CA VAL B 36 -16.43 -20.17 -12.53
C VAL B 36 -15.21 -19.23 -12.63
N ALA B 37 -14.12 -19.57 -11.95
CA ALA B 37 -12.90 -18.75 -11.94
C ALA B 37 -11.75 -19.51 -11.27
N PRO B 41 -12.75 -12.35 -14.04
CA PRO B 41 -11.78 -11.50 -14.74
C PRO B 41 -10.48 -12.26 -15.02
N SER B 42 -9.75 -11.83 -16.06
CA SER B 42 -8.38 -12.26 -16.33
C SER B 42 -7.65 -12.72 -15.07
N SER B 43 -7.05 -11.76 -14.37
CA SER B 43 -6.43 -11.97 -13.05
C SER B 43 -5.55 -13.22 -12.89
N VAL B 44 -4.25 -13.03 -12.75
CA VAL B 44 -3.34 -14.15 -12.71
C VAL B 44 -3.41 -14.83 -11.34
N ALA B 45 -4.11 -14.19 -10.40
CA ALA B 45 -4.35 -14.77 -9.09
C ALA B 45 -5.31 -15.95 -9.21
N ASN B 46 -6.02 -16.01 -10.33
CA ASN B 46 -6.95 -17.08 -10.66
C ASN B 46 -6.32 -18.47 -10.71
N PRO B 47 -5.18 -18.64 -11.43
CA PRO B 47 -4.46 -19.91 -11.29
C PRO B 47 -4.11 -20.30 -9.86
N LEU B 48 -3.64 -19.36 -9.05
CA LEU B 48 -3.34 -19.68 -7.65
C LEU B 48 -4.58 -20.14 -6.89
N ILE B 49 -5.67 -19.39 -7.02
CA ILE B 49 -6.94 -19.76 -6.40
C ILE B 49 -7.34 -21.17 -6.83
N PHE B 50 -7.07 -21.47 -8.10
CA PHE B 50 -7.35 -22.77 -8.70
C PHE B 50 -6.57 -23.89 -8.03
N ILE B 51 -5.26 -23.72 -7.99
CA ILE B 51 -4.35 -24.66 -7.34
C ILE B 51 -4.80 -24.90 -5.90
N GLY B 52 -4.81 -23.85 -5.07
CA GLY B 52 -5.26 -23.98 -3.68
C GLY B 52 -6.61 -24.70 -3.55
N MET B 53 -7.51 -24.44 -4.50
CA MET B 53 -8.80 -25.10 -4.53
C MET B 53 -8.63 -26.60 -4.75
N LEU B 54 -7.72 -26.98 -5.65
CA LEU B 54 -7.44 -28.38 -5.91
C LEU B 54 -6.84 -29.09 -4.70
N LEU B 55 -5.82 -28.48 -4.11
CA LEU B 55 -5.17 -29.06 -2.94
C LEU B 55 -6.14 -29.24 -1.77
N ALA B 56 -6.94 -28.21 -1.47
CA ALA B 56 -7.89 -28.34 -0.36
C ALA B 56 -9.02 -29.33 -0.69
N PHE B 57 -9.42 -29.35 -1.96
CA PHE B 57 -10.48 -30.26 -2.42
C PHE B 57 -10.04 -31.69 -2.22
N THR B 58 -8.83 -31.98 -2.68
CA THR B 58 -8.24 -33.30 -2.57
C THR B 58 -8.05 -33.67 -1.11
N LEU B 59 -7.38 -32.81 -0.35
CA LEU B 59 -7.18 -33.03 1.08
C LEU B 59 -8.49 -33.42 1.76
N VAL B 60 -9.56 -32.71 1.44
CA VAL B 60 -10.87 -33.04 1.99
C VAL B 60 -11.33 -34.41 1.49
N LEU B 61 -11.23 -34.66 0.18
CA LEU B 61 -11.68 -35.89 -0.45
C LEU B 61 -11.02 -37.13 0.15
N LEU B 62 -9.74 -36.96 0.48
CA LEU B 62 -8.95 -38.02 1.07
C LEU B 62 -9.39 -38.18 2.49
N VAL B 63 -9.55 -37.09 3.24
CA VAL B 63 -10.00 -37.23 4.62
C VAL B 63 -11.39 -37.89 4.62
N LEU B 64 -12.12 -37.75 3.52
CA LEU B 64 -13.38 -38.46 3.28
C LEU B 64 -13.15 -39.95 3.07
N LEU B 65 -12.01 -40.30 2.47
CA LEU B 65 -11.64 -41.71 2.32
C LEU B 65 -11.23 -42.32 3.66
N ARG B 66 -10.33 -41.64 4.35
CA ARG B 66 -9.85 -42.03 5.67
C ARG B 66 -10.97 -42.03 6.71
N THR B 67 -12.06 -41.33 6.42
CA THR B 67 -13.25 -41.38 7.26
C THR B 67 -14.32 -42.31 6.68
N GLY B 68 -14.21 -42.61 5.39
CA GLY B 68 -15.11 -43.55 4.75
C GLY B 68 -14.44 -44.92 4.71
N GLY B 69 -14.47 -45.58 3.56
CA GLY B 69 -15.21 -45.12 2.40
C GLY B 69 -15.65 -46.33 1.59
N ARG B 70 -16.17 -47.35 2.27
CA ARG B 70 -16.62 -48.58 1.62
C ARG B 70 -17.77 -48.43 0.64
N ARG B 71 -18.90 -47.94 1.14
CA ARG B 71 -20.07 -47.67 0.34
C ARG B 71 -20.25 -46.17 0.21
N PHE B 72 -19.70 -45.44 1.17
CA PHE B 72 -19.70 -43.98 1.14
C PHE B 72 -19.03 -43.46 -0.11
N ILE B 73 -17.72 -43.19 -0.06
CA ILE B 73 -17.05 -42.51 -1.16
C ILE B 73 -17.24 -43.18 -2.53
N ALA B 74 -17.60 -44.46 -2.53
CA ALA B 74 -17.99 -45.12 -3.77
C ALA B 74 -19.21 -44.37 -4.32
N ALA B 75 -20.21 -44.24 -3.45
CA ALA B 75 -21.46 -43.58 -3.81
C ALA B 75 -21.19 -42.09 -4.02
N PHE B 76 -20.60 -41.43 -3.03
CA PHE B 76 -20.20 -40.03 -3.10
C PHE B 76 -19.60 -39.69 -4.46
N ILE B 77 -18.67 -40.52 -4.93
CA ILE B 77 -18.10 -40.32 -6.25
C ILE B 77 -19.19 -40.53 -7.29
N GLY B 78 -20.04 -41.53 -7.09
CA GLY B 78 -21.07 -41.81 -8.08
C GLY B 78 -21.95 -40.58 -8.27
N PHE B 79 -22.23 -39.89 -7.16
CA PHE B 79 -23.02 -38.67 -7.12
C PHE B 79 -22.35 -37.50 -7.81
N ALA B 80 -21.13 -37.16 -7.37
CA ALA B 80 -20.37 -36.09 -8.01
C ALA B 80 -20.33 -36.29 -9.52
N LEU B 81 -20.12 -37.55 -9.90
CA LEU B 81 -20.05 -37.96 -11.28
C LEU B 81 -21.39 -37.65 -11.94
N PHE B 82 -22.47 -38.06 -11.27
CA PHE B 82 -23.82 -37.82 -11.76
C PHE B 82 -24.10 -36.33 -11.98
N MET B 83 -23.67 -35.48 -11.06
CA MET B 83 -23.89 -34.05 -11.17
C MET B 83 -23.16 -33.50 -12.39
N THR B 84 -21.86 -33.80 -12.47
CA THR B 84 -21.05 -33.26 -13.57
C THR B 84 -21.57 -33.74 -14.93
N PHE B 85 -22.12 -34.96 -14.93
CA PHE B 85 -22.76 -35.52 -16.11
C PHE B 85 -24.12 -34.87 -16.40
N LEU B 86 -24.80 -34.45 -15.33
CA LEU B 86 -26.01 -33.65 -15.45
C LEU B 86 -25.68 -32.37 -16.19
N TYR B 87 -24.65 -31.67 -15.74
CA TYR B 87 -24.27 -30.43 -16.39
C TYR B 87 -23.88 -30.67 -17.84
N ILE B 88 -23.13 -31.75 -18.08
CA ILE B 88 -22.71 -32.08 -19.44
C ILE B 88 -23.90 -32.31 -20.36
N PHE B 89 -24.72 -33.32 -20.07
CA PHE B 89 -25.88 -33.59 -20.90
C PHE B 89 -26.83 -32.40 -20.88
N GLY B 90 -27.45 -32.22 -19.73
CA GLY B 90 -28.31 -31.08 -19.42
C GLY B 90 -27.99 -29.70 -19.95
N ALA B 91 -27.07 -29.00 -19.31
CA ALA B 91 -26.84 -27.61 -19.69
C ALA B 91 -26.37 -27.47 -21.13
N LEU B 92 -25.46 -28.36 -21.54
CA LEU B 92 -24.84 -28.24 -22.85
C LEU B 92 -25.66 -28.72 -24.05
N SER B 93 -26.68 -29.54 -23.82
CA SER B 93 -27.46 -30.09 -24.91
C SER B 93 -28.88 -29.52 -24.92
N LEU B 94 -29.43 -29.33 -23.72
CA LEU B 94 -30.79 -28.80 -23.60
C LEU B 94 -30.86 -27.34 -23.99
N LEU B 95 -29.80 -26.58 -23.71
CA LEU B 95 -29.72 -25.21 -24.18
C LEU B 95 -29.38 -25.16 -25.67
N ALA B 96 -28.65 -26.17 -26.12
CA ALA B 96 -28.32 -26.32 -27.54
C ALA B 96 -29.45 -26.88 -28.40
N LEU B 97 -30.65 -27.03 -27.83
CA LEU B 97 -31.76 -27.58 -28.61
C LEU B 97 -32.68 -26.52 -29.25
N GLY B 98 -33.07 -25.45 -28.54
CA GLY B 98 -33.23 -25.38 -27.10
C GLY B 98 -33.97 -24.09 -26.78
N PRO B 99 -34.11 -23.76 -25.49
CA PRO B 99 -33.85 -24.61 -24.32
C PRO B 99 -34.97 -25.58 -23.96
N THR B 100 -35.86 -25.11 -23.08
CA THR B 100 -36.39 -25.88 -21.96
C THR B 100 -37.42 -26.96 -22.27
N THR B 101 -37.97 -27.50 -21.18
CA THR B 101 -39.03 -28.51 -21.07
C THR B 101 -38.56 -29.96 -21.17
N ALA B 102 -39.16 -30.71 -22.09
CA ALA B 102 -38.85 -32.12 -22.28
C ALA B 102 -37.38 -32.39 -22.61
N ALA B 103 -36.72 -31.35 -23.11
CA ALA B 103 -35.31 -31.44 -23.45
C ALA B 103 -34.55 -31.58 -22.17
N ALA B 104 -34.86 -30.75 -21.20
CA ALA B 104 -34.18 -30.86 -19.93
C ALA B 104 -34.43 -32.27 -19.41
N ALA B 105 -35.70 -32.70 -19.39
CA ALA B 105 -36.01 -34.07 -18.98
C ALA B 105 -35.24 -35.07 -19.82
N GLY B 106 -35.17 -34.80 -21.11
CA GLY B 106 -34.48 -35.64 -22.05
C GLY B 106 -33.06 -35.94 -21.61
N THR B 107 -32.35 -34.91 -21.13
CA THR B 107 -30.99 -35.14 -20.69
C THR B 107 -30.84 -35.78 -19.31
N LEU B 108 -31.80 -35.56 -18.42
CA LEU B 108 -31.74 -36.25 -17.13
C LEU B 108 -31.69 -37.75 -17.31
N ILE B 109 -32.62 -38.25 -18.12
CA ILE B 109 -32.70 -39.66 -18.48
C ILE B 109 -31.34 -40.07 -19.03
N GLY B 110 -30.78 -39.20 -19.87
CA GLY B 110 -29.48 -39.44 -20.47
C GLY B 110 -28.37 -39.62 -19.45
N ALA B 111 -28.28 -38.67 -18.53
CA ALA B 111 -27.17 -38.70 -17.58
C ALA B 111 -27.31 -39.81 -16.56
N VAL B 112 -28.54 -40.09 -16.14
CA VAL B 112 -28.78 -41.19 -15.23
C VAL B 112 -28.35 -42.44 -15.97
N ALA B 113 -28.68 -42.51 -17.25
CA ALA B 113 -28.30 -43.67 -18.05
C ALA B 113 -26.79 -43.85 -18.03
N VAL B 114 -26.08 -42.77 -18.33
CA VAL B 114 -24.61 -42.82 -18.42
C VAL B 114 -23.96 -43.19 -17.12
N THR B 115 -24.31 -42.54 -16.03
CA THR B 115 -23.63 -42.84 -14.80
C THR B 115 -23.96 -44.28 -14.44
N ALA B 116 -25.22 -44.67 -14.67
CA ALA B 116 -25.59 -46.07 -14.43
C ALA B 116 -24.73 -46.95 -15.31
N LEU B 117 -24.56 -46.53 -16.55
CA LEU B 117 -23.75 -47.28 -17.49
C LEU B 117 -22.30 -47.31 -16.97
N LEU B 118 -21.78 -46.14 -16.59
CA LEU B 118 -20.42 -46.04 -16.06
C LEU B 118 -20.17 -46.92 -14.85
N TYR B 119 -21.15 -46.92 -13.93
CA TYR B 119 -21.10 -47.79 -12.78
C TYR B 119 -21.46 -49.17 -13.28
N LEU B 120 -21.25 -50.19 -12.46
CA LEU B 120 -21.28 -51.57 -12.92
C LEU B 120 -20.03 -51.70 -13.80
N TYR B 121 -19.98 -52.70 -14.66
CA TYR B 121 -18.77 -52.92 -15.42
C TYR B 121 -18.94 -52.62 -16.90
N PRO B 122 -17.98 -51.87 -17.46
CA PRO B 122 -17.91 -51.28 -18.80
C PRO B 122 -17.62 -52.25 -19.93
N GLU B 123 -16.72 -51.81 -20.80
CA GLU B 123 -16.21 -52.58 -21.94
C GLU B 123 -15.29 -51.68 -22.75
N TRP B 124 -14.00 -51.74 -22.42
CA TRP B 124 -12.93 -51.09 -23.17
C TRP B 124 -13.25 -49.64 -23.55
N TYR B 125 -13.87 -49.48 -24.71
CA TYR B 125 -14.20 -48.19 -25.31
C TYR B 125 -15.10 -47.28 -24.48
N VAL B 126 -16.04 -47.87 -23.74
CA VAL B 126 -16.97 -47.09 -22.91
C VAL B 126 -16.30 -46.14 -21.91
N ILE B 127 -15.43 -46.66 -21.05
CA ILE B 127 -14.74 -45.80 -20.09
C ILE B 127 -13.97 -44.69 -20.79
N ASP B 128 -13.29 -45.02 -21.88
CA ASP B 128 -12.54 -44.01 -22.62
C ASP B 128 -13.46 -42.91 -23.12
N ILE B 129 -14.60 -43.31 -23.69
CA ILE B 129 -15.61 -42.40 -24.22
C ILE B 129 -16.09 -41.43 -23.15
N LEU B 130 -16.53 -42.00 -22.03
CA LEU B 130 -17.09 -41.22 -20.93
C LEU B 130 -16.05 -40.26 -20.38
N GLY B 131 -14.84 -40.78 -20.20
CA GLY B 131 -13.72 -39.98 -19.75
C GLY B 131 -13.51 -38.81 -20.69
N VAL B 132 -13.63 -39.06 -21.99
CA VAL B 132 -13.42 -38.03 -23.00
C VAL B 132 -14.48 -36.94 -22.81
N LEU B 133 -15.71 -37.39 -22.55
CA LEU B 133 -16.82 -36.47 -22.35
C LEU B 133 -16.53 -35.55 -21.16
N ILE B 134 -16.49 -36.14 -19.96
CA ILE B 134 -16.11 -35.42 -18.74
C ILE B 134 -14.95 -34.45 -18.94
N SER B 135 -13.87 -34.96 -19.54
CA SER B 135 -12.65 -34.18 -19.76
C SER B 135 -12.96 -32.94 -20.57
N ALA B 136 -13.67 -33.13 -21.68
CA ALA B 136 -14.08 -32.02 -22.53
C ALA B 136 -14.89 -31.01 -21.73
N GLY B 137 -15.72 -31.52 -20.83
CA GLY B 137 -16.51 -30.67 -19.95
C GLY B 137 -15.66 -29.75 -19.10
N VAL B 138 -14.78 -30.35 -18.30
CA VAL B 138 -13.90 -29.59 -17.40
C VAL B 138 -13.01 -28.61 -18.16
N ALA B 139 -12.50 -29.08 -19.30
CA ALA B 139 -11.64 -28.28 -20.18
C ALA B 139 -12.36 -27.04 -20.63
N SER B 140 -13.57 -27.25 -21.14
CA SER B 140 -14.42 -26.18 -21.63
C SER B 140 -14.68 -25.18 -20.51
N ILE B 141 -15.12 -25.71 -19.36
CA ILE B 141 -15.46 -24.86 -18.22
C ILE B 141 -14.31 -23.93 -17.85
N PHE B 142 -13.13 -24.48 -17.57
CA PHE B 142 -12.05 -23.61 -17.09
C PHE B 142 -11.55 -22.70 -18.21
N GLY B 143 -11.49 -23.23 -19.42
CA GLY B 143 -11.03 -22.48 -20.58
C GLY B 143 -11.87 -21.24 -20.83
N ILE B 144 -13.17 -21.40 -20.59
CA ILE B 144 -14.14 -20.31 -20.65
C ILE B 144 -13.95 -19.36 -19.47
N SER B 145 -13.72 -19.95 -18.30
CA SER B 145 -13.65 -19.23 -17.04
C SER B 145 -12.48 -18.26 -16.88
N LEU B 146 -11.57 -18.21 -17.86
CA LEU B 146 -10.86 -16.97 -18.32
C LEU B 146 -9.60 -17.17 -19.19
N GLU B 147 -8.92 -16.06 -19.48
CA GLU B 147 -8.18 -15.81 -20.73
C GLU B 147 -6.79 -16.48 -20.83
N PRO B 148 -6.20 -16.50 -22.06
CA PRO B 148 -4.93 -17.22 -22.25
C PRO B 148 -3.68 -16.53 -21.73
N LEU B 149 -3.54 -16.38 -20.42
CA LEU B 149 -2.39 -15.72 -19.83
C LEU B 149 -2.35 -16.09 -18.35
N PRO B 150 -3.50 -15.99 -17.65
CA PRO B 150 -3.57 -16.73 -16.40
C PRO B 150 -3.41 -18.22 -16.68
N VAL B 151 -3.99 -18.65 -17.80
CA VAL B 151 -3.89 -20.03 -18.26
C VAL B 151 -2.45 -20.41 -18.59
N LEU B 152 -1.75 -19.54 -19.29
CA LEU B 152 -0.34 -19.76 -19.62
C LEU B 152 0.51 -20.03 -18.39
N VAL B 153 0.38 -19.13 -17.40
CA VAL B 153 1.10 -19.25 -16.15
C VAL B 153 0.68 -20.49 -15.39
N LEU B 154 -0.62 -20.78 -15.38
CA LEU B 154 -1.12 -21.96 -14.68
C LEU B 154 -0.48 -23.21 -15.24
N LEU B 155 -0.53 -23.32 -16.57
CA LEU B 155 0.05 -24.43 -17.30
C LEU B 155 1.52 -24.61 -16.97
N VAL B 156 2.33 -23.57 -17.18
CA VAL B 156 3.76 -23.69 -16.95
C VAL B 156 4.08 -24.01 -15.48
N LEU B 157 3.28 -23.46 -14.56
CA LEU B 157 3.41 -23.77 -13.14
C LEU B 157 3.20 -25.25 -12.87
N LEU B 158 2.05 -25.74 -13.30
CA LEU B 158 1.64 -27.12 -13.05
C LEU B 158 2.65 -28.08 -13.64
N ALA B 159 3.01 -27.81 -14.88
CA ALA B 159 3.96 -28.62 -15.62
C ALA B 159 5.30 -28.67 -14.90
N VAL B 160 5.80 -27.50 -14.49
CA VAL B 160 7.08 -27.45 -13.81
C VAL B 160 7.02 -28.25 -12.50
N TYR B 161 5.92 -28.13 -11.77
CA TYR B 161 5.69 -28.97 -10.61
C TYR B 161 5.85 -30.43 -10.99
N ASP B 162 5.17 -30.84 -12.06
CA ASP B 162 5.18 -32.24 -12.46
C ASP B 162 6.60 -32.71 -12.71
N ALA B 163 7.30 -32.02 -13.61
CA ALA B 163 8.67 -32.39 -13.97
C ALA B 163 9.55 -32.50 -12.75
N ILE B 164 9.38 -31.56 -11.81
CA ILE B 164 10.15 -31.61 -10.59
C ILE B 164 9.83 -32.78 -9.68
N SER B 165 8.54 -33.08 -9.48
CA SER B 165 8.19 -34.20 -8.63
C SER B 165 8.62 -35.50 -9.28
N VAL B 166 8.60 -35.52 -10.61
CA VAL B 166 9.04 -36.66 -11.40
C VAL B 166 10.53 -36.94 -11.23
N TYR B 167 11.34 -35.92 -11.47
CA TYR B 167 12.79 -36.02 -11.28
C TYR B 167 13.09 -36.42 -9.85
N ARG B 168 12.43 -35.75 -8.91
CA ARG B 168 12.60 -35.97 -7.47
C ARG B 168 12.33 -37.41 -7.04
N THR B 169 11.16 -37.92 -7.42
CA THR B 169 10.74 -39.28 -7.06
C THR B 169 11.49 -40.34 -7.87
N LYS B 170 12.10 -39.91 -8.96
CA LYS B 170 13.00 -40.75 -9.75
C LYS B 170 14.33 -40.88 -9.00
N HIS B 171 14.91 -39.73 -8.67
CA HIS B 171 16.11 -39.65 -7.85
C HIS B 171 15.89 -40.29 -6.47
N MET B 172 14.63 -40.38 -6.05
CA MET B 172 14.29 -41.06 -4.81
C MET B 172 14.23 -42.57 -5.03
N ILE B 173 14.19 -42.98 -6.30
CA ILE B 173 14.35 -44.38 -6.68
C ILE B 173 15.83 -44.79 -6.83
N THR B 174 16.64 -43.96 -7.50
CA THR B 174 18.03 -44.33 -7.80
C THR B 174 18.88 -44.69 -6.58
N LEU B 175 18.24 -44.84 -5.44
CA LEU B 175 18.85 -45.44 -4.26
C LEU B 175 18.54 -46.94 -4.26
N ALA B 176 18.40 -47.53 -3.07
CA ALA B 176 18.36 -48.98 -2.91
C ALA B 176 19.60 -49.65 -3.50
N GLU B 210 -4.68 -47.73 -9.58
CA GLU B 210 -5.58 -48.19 -10.63
C GLU B 210 -6.54 -47.08 -11.06
N ARG B 211 -7.30 -46.55 -10.10
CA ARG B 211 -8.31 -45.55 -10.39
C ARG B 211 -7.65 -44.20 -10.66
N GLY B 212 -6.75 -43.82 -9.76
CA GLY B 212 -6.02 -42.57 -9.88
C GLY B 212 -5.25 -42.46 -11.19
N ALA B 213 -5.00 -43.59 -11.83
CA ALA B 213 -4.32 -43.59 -13.12
C ALA B 213 -5.26 -42.99 -14.16
N PHE B 214 -6.50 -43.44 -14.13
CA PHE B 214 -7.51 -42.98 -15.08
C PHE B 214 -7.85 -41.52 -14.79
N VAL B 215 -7.99 -41.20 -13.51
CA VAL B 215 -8.12 -39.82 -13.05
C VAL B 215 -7.04 -38.86 -13.58
N MET B 216 -5.78 -39.25 -13.38
CA MET B 216 -4.62 -38.45 -13.80
C MET B 216 -4.53 -38.37 -15.32
N GLY B 217 -4.94 -39.46 -15.97
CA GLY B 217 -4.95 -39.56 -17.42
C GLY B 217 -5.87 -38.48 -17.92
N MET B 218 -7.13 -38.57 -17.51
CA MET B 218 -8.09 -37.53 -17.79
C MET B 218 -7.52 -36.14 -17.52
N GLY B 219 -6.88 -35.94 -16.37
CA GLY B 219 -6.24 -34.66 -16.08
C GLY B 219 -5.26 -34.10 -17.12
N ASP B 220 -4.48 -34.98 -17.73
CA ASP B 220 -3.51 -34.48 -18.72
C ASP B 220 -4.22 -34.31 -20.04
N LEU B 221 -5.27 -35.10 -20.22
CA LEU B 221 -6.15 -34.98 -21.36
C LEU B 221 -6.81 -33.59 -21.35
N ILE B 222 -7.14 -33.14 -20.14
CA ILE B 222 -7.76 -31.85 -19.85
C ILE B 222 -6.86 -30.64 -20.06
N MET B 223 -5.67 -30.66 -19.45
CA MET B 223 -4.79 -29.47 -19.37
C MET B 223 -4.53 -28.57 -20.61
N PRO B 224 -4.17 -29.14 -21.78
CA PRO B 224 -3.90 -28.25 -22.93
C PRO B 224 -5.19 -27.71 -23.56
N SER B 225 -6.25 -28.49 -23.39
CA SER B 225 -7.55 -28.16 -23.94
C SER B 225 -7.97 -26.84 -23.32
N ILE B 226 -7.51 -26.59 -22.09
CA ILE B 226 -7.79 -25.33 -21.44
C ILE B 226 -7.15 -24.17 -22.22
N LEU B 227 -5.97 -24.38 -22.80
CA LEU B 227 -5.40 -23.33 -23.63
C LEU B 227 -6.11 -23.22 -24.96
N VAL B 228 -6.80 -24.29 -25.36
CA VAL B 228 -7.48 -24.26 -26.66
C VAL B 228 -8.82 -23.55 -26.57
N VAL B 229 -9.61 -23.91 -25.57
CA VAL B 229 -10.82 -23.18 -25.26
C VAL B 229 -10.47 -21.74 -24.90
N SER B 230 -9.67 -21.55 -23.85
CA SER B 230 -9.33 -20.20 -23.43
C SER B 230 -8.59 -19.35 -24.47
N SER B 231 -8.29 -19.92 -25.64
CA SER B 231 -7.65 -19.09 -26.65
C SER B 231 -8.64 -18.93 -27.79
N HIS B 232 -9.65 -19.79 -27.79
CA HIS B 232 -10.86 -19.58 -28.58
C HIS B 232 -11.73 -18.44 -28.05
N VAL B 233 -11.71 -18.24 -26.74
CA VAL B 233 -12.30 -17.06 -26.11
C VAL B 233 -11.44 -15.80 -26.36
N PHE B 234 -10.44 -15.92 -27.23
CA PHE B 234 -9.67 -14.75 -27.65
C PHE B 234 -9.98 -14.39 -29.11
N ALA B 239 -10.12 -13.38 -32.53
CA ALA B 239 -9.24 -12.27 -32.87
C ALA B 239 -8.37 -12.61 -34.08
N VAL B 240 -8.69 -13.72 -34.74
CA VAL B 240 -8.05 -14.12 -35.98
C VAL B 240 -9.08 -14.80 -36.87
N LEU B 241 -9.34 -16.07 -36.57
CA LEU B 241 -10.35 -16.89 -37.26
C LEU B 241 -10.04 -17.24 -38.72
N TRP B 242 -9.13 -18.19 -38.92
CA TRP B 242 -8.91 -18.79 -40.23
C TRP B 242 -9.86 -19.97 -40.32
N THR B 243 -9.32 -21.18 -40.34
CA THR B 243 -10.18 -22.37 -40.31
C THR B 243 -10.76 -22.54 -38.91
N LEU B 244 -11.52 -21.53 -38.48
CA LEU B 244 -12.04 -21.38 -37.13
C LEU B 244 -10.97 -21.23 -36.06
N SER B 245 -10.56 -19.99 -35.81
CA SER B 245 -9.55 -19.65 -34.79
C SER B 245 -8.17 -20.30 -35.00
N ALA B 246 -7.30 -19.60 -35.72
CA ALA B 246 -5.97 -20.13 -36.07
C ALA B 246 -5.02 -20.41 -34.89
N PRO B 247 -4.95 -19.50 -33.90
CA PRO B 247 -3.96 -19.78 -32.86
C PRO B 247 -4.37 -20.92 -31.93
N THR B 248 -5.67 -21.06 -31.66
CA THR B 248 -6.14 -22.22 -30.93
C THR B 248 -5.87 -23.53 -31.66
N LEU B 249 -5.97 -23.53 -32.99
CA LEU B 249 -5.45 -24.64 -33.78
C LEU B 249 -3.98 -24.88 -33.46
N GLY B 250 -3.18 -23.82 -33.52
CA GLY B 250 -1.76 -23.92 -33.21
C GLY B 250 -1.49 -24.62 -31.90
N ALA B 251 -2.19 -24.18 -30.85
CA ALA B 251 -2.10 -24.83 -29.55
C ALA B 251 -2.49 -26.30 -29.64
N MET B 252 -3.56 -26.58 -30.39
CA MET B 252 -4.11 -27.92 -30.48
C MET B 252 -3.15 -28.93 -31.14
N VAL B 253 -2.57 -28.54 -32.26
CA VAL B 253 -1.56 -29.36 -32.92
C VAL B 253 -0.31 -29.47 -32.07
N GLY B 254 0.08 -28.36 -31.43
CA GLY B 254 1.27 -28.37 -30.59
C GLY B 254 1.13 -29.35 -29.46
N SER B 255 -0.10 -29.50 -28.98
CA SER B 255 -0.43 -30.48 -27.96
C SER B 255 -0.42 -31.89 -28.56
N LEU B 256 -0.83 -32.04 -29.80
CA LEU B 256 -0.87 -33.37 -30.40
C LEU B 256 0.54 -33.91 -30.65
N VAL B 257 1.44 -33.02 -31.02
CA VAL B 257 2.83 -33.39 -31.21
C VAL B 257 3.48 -33.56 -29.84
N GLY B 258 3.00 -32.80 -28.85
CA GLY B 258 3.53 -32.94 -27.52
C GLY B 258 3.27 -34.36 -27.05
N LEU B 259 2.01 -34.79 -27.15
CA LEU B 259 1.64 -36.15 -26.77
C LEU B 259 2.40 -37.19 -27.59
N ALA B 260 2.70 -36.86 -28.84
CA ALA B 260 3.47 -37.78 -29.66
C ALA B 260 4.85 -38.02 -29.05
N VAL B 261 5.55 -36.92 -28.77
CA VAL B 261 6.88 -36.96 -28.19
C VAL B 261 6.85 -37.70 -26.84
N LEU B 262 5.82 -37.42 -26.04
CA LEU B 262 5.67 -38.10 -24.77
C LEU B 262 5.54 -39.61 -24.95
N LEU B 263 4.67 -40.05 -25.85
CA LEU B 263 4.47 -41.50 -26.00
C LEU B 263 5.75 -42.14 -26.54
N TYR B 264 6.55 -41.35 -27.24
CA TYR B 264 7.79 -41.86 -27.79
C TYR B 264 8.77 -42.12 -26.64
N PHE B 265 9.03 -41.11 -25.83
CA PHE B 265 9.95 -41.27 -24.71
C PHE B 265 9.42 -42.31 -23.72
N VAL B 266 8.10 -42.40 -23.62
CA VAL B 266 7.44 -43.38 -22.77
C VAL B 266 7.81 -44.80 -23.22
N ASN B 267 7.86 -45.00 -24.53
CA ASN B 267 8.33 -46.28 -25.06
C ASN B 267 9.86 -46.41 -25.11
N LYS B 268 10.57 -45.29 -24.99
CA LYS B 268 12.02 -45.32 -24.88
C LYS B 268 12.44 -46.03 -23.59
N GLY B 269 11.53 -46.06 -22.62
CA GLY B 269 11.74 -46.79 -21.39
C GLY B 269 10.93 -46.25 -20.23
N ASN B 270 11.64 -45.56 -19.35
CA ASN B 270 11.05 -44.91 -18.19
C ASN B 270 10.83 -43.38 -18.28
N PRO B 271 11.86 -42.62 -18.72
CA PRO B 271 11.83 -41.18 -18.44
C PRO B 271 10.73 -40.39 -19.14
N GLN B 272 9.74 -39.90 -18.39
CA GLN B 272 8.86 -38.89 -18.95
C GLN B 272 8.34 -37.92 -17.89
N ALA B 273 8.86 -36.70 -17.88
CA ALA B 273 8.32 -35.65 -17.04
C ALA B 273 6.90 -35.33 -17.50
N GLY B 274 5.95 -36.21 -17.17
CA GLY B 274 4.53 -36.06 -17.47
C GLY B 274 3.96 -34.90 -18.29
N LEU B 275 3.50 -33.87 -17.61
CA LEU B 275 2.93 -32.66 -18.26
C LEU B 275 3.81 -31.75 -19.14
N PRO B 276 5.06 -31.39 -18.73
CA PRO B 276 5.85 -30.45 -19.54
C PRO B 276 5.92 -30.70 -21.07
N PRO B 277 5.71 -31.93 -21.54
CA PRO B 277 5.57 -32.17 -22.98
C PRO B 277 4.28 -31.51 -23.47
N LEU B 278 3.12 -32.05 -23.11
CA LEU B 278 1.86 -31.51 -23.61
C LEU B 278 1.52 -30.08 -23.17
N ASN B 279 1.71 -29.74 -21.90
CA ASN B 279 1.45 -28.38 -21.45
C ASN B 279 2.29 -27.33 -22.16
N GLY B 280 3.60 -27.41 -21.93
CA GLY B 280 4.57 -26.52 -22.54
C GLY B 280 4.62 -26.54 -24.04
N GLY B 281 4.23 -27.67 -24.64
CA GLY B 281 4.34 -27.83 -26.08
C GLY B 281 3.10 -27.25 -26.73
N ALA B 282 1.97 -27.40 -26.07
CA ALA B 282 0.75 -26.74 -26.49
C ALA B 282 0.92 -25.23 -26.34
N ILE B 283 1.58 -24.80 -25.26
CA ILE B 283 1.99 -23.40 -25.15
C ILE B 283 2.84 -22.91 -26.32
N LEU B 284 3.88 -23.66 -26.70
CA LEU B 284 4.69 -23.30 -27.87
C LEU B 284 3.84 -23.22 -29.13
N GLY B 285 2.92 -24.16 -29.28
CA GLY B 285 2.10 -24.20 -30.48
C GLY B 285 1.17 -23.02 -30.52
N PHE B 286 0.62 -22.64 -29.37
CA PHE B 286 -0.25 -21.47 -29.27
C PHE B 286 0.49 -20.19 -29.63
N LEU B 287 1.68 -20.01 -29.05
CA LEU B 287 2.46 -18.80 -29.34
C LEU B 287 2.93 -18.78 -30.79
N VAL B 288 3.08 -19.96 -31.37
CA VAL B 288 3.47 -20.11 -32.76
C VAL B 288 2.29 -19.71 -33.67
N GLY B 289 1.10 -20.09 -33.25
CA GLY B 289 -0.12 -19.82 -34.00
C GLY B 289 -0.69 -18.44 -33.78
N ALA B 290 -0.13 -17.70 -32.83
CA ALA B 290 -0.61 -16.36 -32.53
C ALA B 290 0.23 -15.31 -33.27
N ALA B 291 1.53 -15.53 -33.34
CA ALA B 291 2.42 -14.64 -34.07
C ALA B 291 2.07 -14.62 -35.57
N ARG C 4 -2.55 49.88 35.26
CA ARG C 4 -2.62 48.48 35.64
C ARG C 4 -3.63 47.68 34.83
N ASP C 5 -4.76 48.31 34.49
CA ASP C 5 -5.81 47.62 33.74
C ASP C 5 -5.55 47.60 32.22
N TRP C 6 -4.58 48.39 31.78
CA TRP C 6 -4.28 48.52 30.35
C TRP C 6 -3.64 47.26 29.75
N LEU C 7 -2.87 46.55 30.57
CA LEU C 7 -2.19 45.34 30.11
C LEU C 7 -3.07 44.08 30.09
N PRO C 8 -4.01 43.94 31.04
CA PRO C 8 -4.95 42.84 30.79
C PRO C 8 -5.90 43.14 29.64
N LEU C 9 -6.24 44.42 29.44
CA LEU C 9 -7.06 44.79 28.28
C LEU C 9 -6.20 44.74 27.00
N LEU C 10 -4.92 44.44 27.18
CA LEU C 10 -4.01 44.15 26.09
C LEU C 10 -3.81 42.64 25.95
N GLY C 11 -3.37 42.02 27.04
CA GLY C 11 -3.05 40.60 27.08
C GLY C 11 -2.06 40.08 26.06
N MET C 12 -1.21 40.96 25.52
CA MET C 12 -0.24 40.56 24.51
C MET C 12 1.06 39.92 25.10
N PRO C 13 1.50 40.34 26.32
CA PRO C 13 2.53 39.58 27.05
C PRO C 13 2.18 38.11 27.32
N LEU C 14 0.88 37.84 27.38
CA LEU C 14 0.30 36.51 27.38
C LEU C 14 0.87 35.67 26.24
N MET C 15 0.81 36.21 25.03
CA MET C 15 1.25 35.53 23.82
C MET C 15 2.72 35.10 23.87
N LEU C 16 3.59 35.91 24.49
CA LEU C 16 4.99 35.54 24.62
C LEU C 16 5.14 34.23 25.40
N LEU C 17 4.75 34.26 26.67
CA LEU C 17 4.79 33.07 27.53
C LEU C 17 4.16 31.89 26.81
N PHE C 18 3.02 32.14 26.17
CA PHE C 18 2.35 31.10 25.40
C PHE C 18 3.22 30.44 24.34
N VAL C 19 3.85 31.25 23.49
CA VAL C 19 4.71 30.69 22.46
C VAL C 19 5.84 29.88 23.06
N GLN C 20 6.47 30.41 24.11
CA GLN C 20 7.55 29.69 24.77
C GLN C 20 7.12 28.32 25.34
N ILE C 21 6.03 28.33 26.10
CA ILE C 21 5.46 27.13 26.72
C ILE C 21 5.09 26.09 25.67
N ILE C 22 4.27 26.48 24.69
CA ILE C 22 3.85 25.54 23.66
C ILE C 22 5.07 25.05 22.85
N ALA C 23 6.13 25.86 22.81
CA ALA C 23 7.36 25.45 22.13
C ALA C 23 8.03 24.34 22.92
N ILE C 24 7.91 24.40 24.24
CA ILE C 24 8.43 23.33 25.07
C ILE C 24 7.58 22.08 24.91
N VAL C 25 6.27 22.24 25.05
CA VAL C 25 5.33 21.14 24.87
C VAL C 25 5.56 20.41 23.53
N LEU C 26 5.97 21.18 22.52
CA LEU C 26 6.32 20.64 21.21
C LEU C 26 7.74 20.08 21.08
N VAL C 27 8.65 20.47 21.98
CA VAL C 27 10.04 19.99 21.89
C VAL C 27 10.15 18.45 21.89
N MET C 28 9.33 17.76 22.68
CA MET C 28 9.36 16.30 22.69
C MET C 28 9.10 15.71 21.29
N PRO C 29 7.86 15.77 20.76
CA PRO C 29 7.68 14.99 19.54
C PRO C 29 8.47 15.49 18.31
N MET C 30 8.95 16.74 18.31
CA MET C 30 9.59 17.31 17.12
C MET C 30 10.95 16.69 16.83
N GLN C 31 11.50 15.99 17.81
CA GLN C 31 12.58 15.06 17.57
C GLN C 31 11.99 13.66 17.40
N ALA C 32 11.25 13.20 18.41
CA ALA C 32 10.57 11.92 18.34
C ALA C 32 9.56 11.88 17.21
N SER C 42 26.58 20.68 15.04
CA SER C 42 27.30 20.94 16.28
C SER C 42 28.10 22.23 16.18
N SER C 43 28.76 22.42 15.05
CA SER C 43 29.54 23.62 14.76
C SER C 43 28.78 24.91 15.03
N VAL C 44 29.53 25.94 15.44
CA VAL C 44 28.98 27.26 15.74
C VAL C 44 28.66 27.99 14.43
N ALA C 45 29.00 27.37 13.31
CA ALA C 45 28.69 27.91 12.00
C ALA C 45 27.21 27.76 11.64
N ASN C 46 26.47 27.01 12.45
CA ASN C 46 25.04 26.80 12.24
C ASN C 46 24.21 28.10 12.13
N PRO C 47 24.46 29.10 13.01
CA PRO C 47 23.85 30.43 12.81
C PRO C 47 24.10 31.06 11.44
N LEU C 48 25.31 30.94 10.91
CA LEU C 48 25.59 31.50 9.60
C LEU C 48 24.73 30.86 8.52
N ILE C 49 24.67 29.53 8.51
CA ILE C 49 23.83 28.82 7.56
C ILE C 49 22.40 29.30 7.76
N PHE C 50 22.06 29.50 9.03
CA PHE C 50 20.72 29.91 9.42
C PHE C 50 20.43 31.21 8.73
N ILE C 51 21.30 32.18 8.99
CA ILE C 51 21.17 33.49 8.38
C ILE C 51 21.07 33.30 6.89
N GLY C 52 22.03 32.62 6.27
CA GLY C 52 21.97 32.45 4.84
C GLY C 52 20.65 31.89 4.32
N MET C 53 20.16 30.84 4.96
CA MET C 53 18.88 30.26 4.54
C MET C 53 17.72 31.22 4.73
N LEU C 54 17.81 32.02 5.77
CA LEU C 54 16.79 33.03 6.03
C LEU C 54 16.75 34.03 4.90
N LEU C 55 17.92 34.46 4.44
CA LEU C 55 17.94 35.35 3.30
C LEU C 55 17.27 34.76 2.08
N ALA C 56 17.48 33.46 1.85
CA ALA C 56 16.88 32.86 0.66
C ALA C 56 15.37 32.87 0.81
N PHE C 57 14.92 32.61 2.03
CA PHE C 57 13.51 32.56 2.35
C PHE C 57 12.94 33.93 2.04
N THR C 58 13.64 34.97 2.50
CA THR C 58 13.21 36.34 2.29
C THR C 58 13.20 36.55 0.79
N LEU C 59 14.33 36.29 0.13
CA LEU C 59 14.43 36.41 -1.32
C LEU C 59 13.22 35.76 -2.00
N VAL C 60 12.78 34.60 -1.50
CA VAL C 60 11.61 33.96 -2.06
C VAL C 60 10.34 34.80 -1.86
N LEU C 61 10.08 35.19 -0.62
CA LEU C 61 8.88 35.95 -0.29
C LEU C 61 8.79 37.26 -1.06
N LEU C 62 9.94 37.84 -1.30
CA LEU C 62 10.00 39.08 -2.04
C LEU C 62 9.60 38.73 -3.45
N VAL C 63 10.34 37.81 -4.06
CA VAL C 63 10.14 37.52 -5.47
C VAL C 63 8.73 36.96 -5.76
N LEU C 64 8.16 36.26 -4.79
CA LEU C 64 6.77 35.81 -4.88
C LEU C 64 5.77 36.97 -4.81
N LEU C 65 6.09 37.98 -3.99
CA LEU C 65 5.29 39.19 -3.89
C LEU C 65 5.42 40.13 -5.10
N ARG C 66 6.66 40.38 -5.52
CA ARG C 66 6.97 41.18 -6.69
C ARG C 66 6.43 40.61 -8.02
N THR C 67 6.12 39.33 -8.05
CA THR C 67 5.61 38.70 -9.27
C THR C 67 4.09 38.84 -9.25
N GLY C 68 3.37 37.73 -9.43
CA GLY C 68 1.93 37.83 -9.42
C GLY C 68 1.59 37.63 -7.95
N GLY C 69 0.33 37.38 -7.63
CA GLY C 69 -0.75 37.37 -8.60
C GLY C 69 -2.11 37.33 -7.92
N ARG C 70 -2.29 38.20 -6.92
CA ARG C 70 -3.54 38.23 -6.15
C ARG C 70 -3.79 36.93 -5.40
N ARG C 71 -4.25 35.91 -6.13
CA ARG C 71 -4.40 34.58 -5.54
C ARG C 71 -3.21 33.66 -5.62
N PHE C 72 -2.35 33.78 -6.62
CA PHE C 72 -1.18 32.88 -6.64
C PHE C 72 -0.38 33.05 -5.34
N ILE C 73 -0.29 34.27 -4.84
CA ILE C 73 0.52 34.54 -3.64
C ILE C 73 -0.13 33.94 -2.42
N ALA C 74 -1.47 34.02 -2.43
CA ALA C 74 -2.34 33.40 -1.44
C ALA C 74 -2.32 31.89 -1.46
N ALA C 75 -2.27 31.29 -2.64
CA ALA C 75 -2.21 29.85 -2.73
C ALA C 75 -0.85 29.37 -2.26
N PHE C 76 0.23 29.84 -2.90
CA PHE C 76 1.58 29.52 -2.44
C PHE C 76 1.77 29.63 -0.92
N ILE C 77 1.39 30.80 -0.38
CA ILE C 77 1.58 31.04 1.05
C ILE C 77 0.63 30.16 1.88
N GLY C 78 -0.59 29.98 1.39
CA GLY C 78 -1.58 29.15 2.07
C GLY C 78 -1.06 27.73 2.17
N PHE C 79 -0.34 27.30 1.14
CA PHE C 79 0.25 25.98 1.12
C PHE C 79 1.32 25.86 2.16
N ALA C 80 2.30 26.77 2.11
CA ALA C 80 3.35 26.78 3.13
C ALA C 80 2.74 26.71 4.53
N LEU C 81 1.72 27.54 4.73
CA LEU C 81 0.98 27.60 5.98
C LEU C 81 0.47 26.22 6.31
N PHE C 82 -0.17 25.60 5.32
CA PHE C 82 -0.78 24.28 5.43
C PHE C 82 0.25 23.23 5.85
N MET C 83 1.44 23.28 5.24
CA MET C 83 2.50 22.33 5.49
C MET C 83 3.00 22.44 6.92
N THR C 84 3.37 23.66 7.30
CA THR C 84 3.88 23.88 8.64
C THR C 84 2.82 23.50 9.64
N PHE C 85 1.56 23.66 9.25
CA PHE C 85 0.44 23.24 10.07
C PHE C 85 0.33 21.73 10.15
N LEU C 86 0.67 21.02 9.08
CA LEU C 86 0.73 19.55 9.12
C LEU C 86 1.78 19.04 10.08
N TYR C 87 3.02 19.50 9.92
CA TYR C 87 4.10 19.02 10.78
C TYR C 87 3.85 19.43 12.23
N ILE C 88 3.40 20.65 12.44
CA ILE C 88 3.07 21.10 13.80
C ILE C 88 1.96 20.21 14.35
N PHE C 89 0.90 20.04 13.58
CA PHE C 89 -0.17 19.11 13.94
C PHE C 89 0.35 17.68 13.95
N GLY C 90 0.23 17.02 12.79
CA GLY C 90 0.69 15.65 12.58
C GLY C 90 1.87 15.05 13.30
N ALA C 91 3.11 15.42 12.96
CA ALA C 91 4.23 14.75 13.62
C ALA C 91 4.21 14.99 15.12
N LEU C 92 3.88 16.21 15.51
CA LEU C 92 3.74 16.57 16.91
C LEU C 92 2.39 16.16 17.49
N SER C 93 1.92 14.99 17.08
CA SER C 93 0.61 14.48 17.45
C SER C 93 0.49 13.06 16.93
N LEU C 94 1.06 12.81 15.76
CA LEU C 94 1.07 11.44 15.27
C LEU C 94 2.13 10.68 16.06
N LEU C 95 3.25 11.33 16.40
CA LEU C 95 4.12 10.64 17.36
C LEU C 95 3.61 10.81 18.79
N ALA C 96 2.37 11.27 18.94
CA ALA C 96 1.73 11.40 20.25
C ALA C 96 0.51 10.48 20.37
N LEU C 97 0.25 9.72 19.31
CA LEU C 97 -0.87 8.79 19.30
C LEU C 97 -0.58 7.58 18.42
N GLY C 98 -0.90 7.70 17.14
CA GLY C 98 -0.79 6.59 16.21
C GLY C 98 0.65 6.27 15.81
N PRO C 99 0.87 5.86 14.56
CA PRO C 99 0.04 5.89 13.34
C PRO C 99 -1.15 4.91 13.43
N THR C 100 -2.14 4.94 12.53
CA THR C 100 -2.12 5.72 11.30
C THR C 100 -3.44 6.47 11.07
N THR C 101 -4.26 5.97 10.15
CA THR C 101 -5.55 6.55 9.73
C THR C 101 -6.22 7.49 10.74
N ALA C 102 -6.61 6.96 11.90
CA ALA C 102 -7.16 7.77 12.97
C ALA C 102 -6.39 9.07 13.18
N ALA C 103 -5.12 8.92 13.54
CA ALA C 103 -4.23 10.06 13.74
C ALA C 103 -3.82 10.73 12.44
N ALA C 104 -3.35 9.98 11.45
CA ALA C 104 -2.84 10.60 10.21
C ALA C 104 -3.92 11.45 9.55
N ALA C 105 -5.01 10.81 9.14
CA ALA C 105 -6.14 11.52 8.55
C ALA C 105 -6.67 12.58 9.52
N GLY C 106 -6.63 12.27 10.83
CA GLY C 106 -7.03 13.23 11.84
C GLY C 106 -6.31 14.56 11.73
N THR C 107 -4.99 14.52 11.58
CA THR C 107 -4.20 15.74 11.48
C THR C 107 -4.22 16.37 10.10
N LEU C 108 -4.36 15.56 9.05
CA LEU C 108 -4.53 16.17 7.74
C LEU C 108 -5.81 17.00 7.71
N ILE C 109 -6.89 16.37 8.16
CA ILE C 109 -8.20 17.02 8.29
C ILE C 109 -8.06 18.25 9.18
N GLY C 110 -7.33 18.09 10.28
CA GLY C 110 -7.13 19.15 11.24
C GLY C 110 -6.46 20.35 10.57
N ALA C 111 -5.41 20.09 9.82
CA ALA C 111 -4.64 21.17 9.21
C ALA C 111 -5.44 21.84 8.10
N VAL C 112 -6.23 21.06 7.37
CA VAL C 112 -7.06 21.64 6.31
C VAL C 112 -8.06 22.57 6.98
N ALA C 113 -8.63 22.10 8.09
CA ALA C 113 -9.62 22.84 8.86
C ALA C 113 -9.06 24.16 9.34
N VAL C 114 -7.91 24.09 9.98
CA VAL C 114 -7.24 25.26 10.56
C VAL C 114 -6.81 26.25 9.48
N THR C 115 -6.18 25.77 8.41
CA THR C 115 -5.74 26.68 7.35
C THR C 115 -6.92 27.30 6.59
N ALA C 116 -7.97 26.52 6.36
CA ALA C 116 -9.16 27.05 5.73
C ALA C 116 -9.77 28.13 6.62
N LEU C 117 -9.83 27.84 7.91
CA LEU C 117 -10.34 28.77 8.91
C LEU C 117 -9.56 30.08 8.82
N LEU C 118 -8.24 29.95 8.85
CA LEU C 118 -7.32 31.07 8.73
C LEU C 118 -7.59 31.89 7.46
N TYR C 119 -7.89 31.21 6.36
CA TYR C 119 -8.10 31.92 5.11
C TYR C 119 -9.48 32.57 5.00
N LEU C 120 -10.47 32.05 5.71
CA LEU C 120 -11.78 32.70 5.75
C LEU C 120 -11.63 34.05 6.44
N TYR C 121 -12.43 34.27 7.47
CA TYR C 121 -12.31 35.53 8.20
C TYR C 121 -12.24 35.28 9.70
N PRO C 122 -11.05 35.52 10.28
CA PRO C 122 -10.63 35.22 11.64
C PRO C 122 -11.20 36.19 12.67
N GLU C 123 -10.74 36.03 13.91
CA GLU C 123 -10.98 36.99 14.97
C GLU C 123 -9.62 37.27 15.58
N TRP C 124 -9.55 38.23 16.49
CA TRP C 124 -8.31 38.44 17.25
C TRP C 124 -7.81 37.15 17.90
N TYR C 125 -8.69 36.49 18.65
CA TYR C 125 -8.27 35.31 19.40
C TYR C 125 -7.81 34.20 18.46
N VAL C 126 -8.50 34.02 17.34
CA VAL C 126 -8.09 33.02 16.36
C VAL C 126 -6.68 33.30 15.85
N ILE C 127 -6.45 34.51 15.34
CA ILE C 127 -5.15 34.87 14.78
C ILE C 127 -4.03 34.70 15.83
N ASP C 128 -4.25 35.11 17.07
CA ASP C 128 -3.23 34.85 18.10
C ASP C 128 -3.03 33.36 18.32
N ILE C 129 -4.11 32.58 18.37
CA ILE C 129 -4.01 31.14 18.57
C ILE C 129 -3.10 30.51 17.53
N LEU C 130 -3.46 30.74 16.26
CA LEU C 130 -2.73 30.12 15.15
C LEU C 130 -1.30 30.64 15.06
N GLY C 131 -1.12 31.96 15.15
CA GLY C 131 0.20 32.55 15.10
C GLY C 131 1.11 32.02 16.19
N VAL C 132 0.58 31.92 17.40
CA VAL C 132 1.35 31.42 18.55
C VAL C 132 1.70 29.96 18.31
N LEU C 133 0.74 29.25 17.72
CA LEU C 133 0.91 27.84 17.40
C LEU C 133 2.13 27.67 16.49
N ILE C 134 2.03 28.23 15.29
CA ILE C 134 3.14 28.31 14.34
C ILE C 134 4.46 28.69 15.01
N SER C 135 4.44 29.78 15.76
CA SER C 135 5.65 30.30 16.41
C SER C 135 6.29 29.25 17.31
N ALA C 136 5.48 28.65 18.17
CA ALA C 136 5.93 27.61 19.07
C ALA C 136 6.53 26.44 18.31
N GLY C 137 5.91 26.12 17.17
CA GLY C 137 6.40 25.09 16.28
C GLY C 137 7.82 25.37 15.85
N VAL C 138 8.01 26.53 15.22
CA VAL C 138 9.32 26.92 14.69
C VAL C 138 10.36 26.97 15.81
N ALA C 139 9.96 27.57 16.94
CA ALA C 139 10.82 27.70 18.11
C ALA C 139 11.33 26.34 18.57
N SER C 140 10.40 25.39 18.67
CA SER C 140 10.71 24.02 19.04
C SER C 140 11.74 23.46 18.06
N ILE C 141 11.39 23.57 16.78
CA ILE C 141 12.22 22.98 15.71
C ILE C 141 13.66 23.46 15.80
N PHE C 142 13.88 24.77 15.77
CA PHE C 142 15.26 25.28 15.76
C PHE C 142 15.95 25.04 17.12
N GLY C 143 15.16 25.13 18.18
CA GLY C 143 15.64 24.93 19.54
C GLY C 143 16.29 23.57 19.67
N ILE C 144 15.67 22.60 19.00
CA ILE C 144 16.23 21.25 18.88
C ILE C 144 17.37 21.22 17.87
N SER C 145 17.17 21.89 16.75
CA SER C 145 18.00 21.79 15.56
C SER C 145 19.45 22.29 15.66
N LEU C 146 19.89 22.75 16.83
CA LEU C 146 21.30 22.67 17.31
C LEU C 146 21.50 23.63 18.51
N GLU C 147 22.73 23.79 19.01
CA GLU C 147 23.03 24.02 20.43
C GLU C 147 22.93 25.50 20.87
N PRO C 148 22.78 25.74 22.19
CA PRO C 148 22.67 27.05 22.85
C PRO C 148 23.76 28.08 22.59
N LEU C 149 25.03 27.71 22.41
CA LEU C 149 26.07 28.71 22.21
C LEU C 149 26.02 29.33 20.79
N PRO C 150 25.84 28.47 19.76
CA PRO C 150 25.47 29.05 18.46
C PRO C 150 24.20 29.89 18.52
N VAL C 151 23.18 29.43 19.24
CA VAL C 151 21.95 30.18 19.38
C VAL C 151 22.20 31.55 20.02
N LEU C 152 22.97 31.58 21.11
CA LEU C 152 23.34 32.84 21.77
C LEU C 152 24.04 33.81 20.82
N VAL C 153 24.97 33.28 20.04
CA VAL C 153 25.67 34.08 19.04
C VAL C 153 24.65 34.67 18.06
N LEU C 154 23.72 33.84 17.62
CA LEU C 154 22.68 34.23 16.70
C LEU C 154 21.81 35.35 17.27
N LEU C 155 21.34 35.15 18.50
CA LEU C 155 20.53 36.12 19.20
C LEU C 155 21.19 37.49 19.24
N VAL C 156 22.41 37.54 19.79
CA VAL C 156 23.07 38.83 19.94
C VAL C 156 23.29 39.47 18.58
N LEU C 157 23.63 38.64 17.59
CA LEU C 157 23.90 39.12 16.24
C LEU C 157 22.72 39.79 15.58
N LEU C 158 21.64 39.02 15.49
CA LEU C 158 20.40 39.44 14.86
C LEU C 158 19.82 40.67 15.57
N ALA C 159 19.81 40.64 16.91
CA ALA C 159 19.29 41.74 17.72
C ALA C 159 20.06 43.03 17.45
N VAL C 160 21.39 42.91 17.47
CA VAL C 160 22.26 44.06 17.23
C VAL C 160 21.99 44.62 15.84
N TYR C 161 21.84 43.72 14.86
CA TYR C 161 21.44 44.14 13.52
C TYR C 161 20.17 44.98 13.58
N ASP C 162 19.13 44.50 14.27
CA ASP C 162 17.86 45.23 14.28
C ASP C 162 18.07 46.63 14.82
N ALA C 163 18.68 46.72 16.00
CA ALA C 163 18.91 48.03 16.62
C ALA C 163 19.65 48.96 15.65
N ILE C 164 20.61 48.41 14.92
CA ILE C 164 21.33 49.19 13.91
C ILE C 164 20.41 49.70 12.79
N SER C 165 19.59 48.83 12.21
CA SER C 165 18.73 49.19 11.08
C SER C 165 17.64 50.19 11.47
N VAL C 166 17.05 49.99 12.64
CA VAL C 166 16.03 50.92 13.12
C VAL C 166 16.70 52.26 13.39
N TYR C 167 17.90 52.23 13.95
CA TYR C 167 18.67 53.46 14.11
C TYR C 167 18.85 54.16 12.76
N ARG C 168 19.12 53.36 11.73
CA ARG C 168 19.31 53.85 10.36
C ARG C 168 18.09 54.62 9.84
N THR C 169 16.91 54.00 9.92
CA THR C 169 15.71 54.64 9.40
C THR C 169 15.30 55.83 10.28
N LYS C 170 15.74 55.78 11.53
CA LYS C 170 15.48 56.86 12.46
C LYS C 170 16.28 58.08 12.04
N HIS C 171 17.58 57.89 11.86
CA HIS C 171 18.46 58.93 11.36
C HIS C 171 18.06 59.37 9.96
N MET C 172 17.31 58.53 9.24
CA MET C 172 16.80 58.91 7.93
C MET C 172 15.53 59.74 8.08
N ILE C 173 14.93 59.70 9.26
CA ILE C 173 13.81 60.60 9.55
C ILE C 173 14.30 61.95 10.05
N THR C 174 15.16 61.96 11.07
CA THR C 174 15.58 63.24 11.66
C THR C 174 16.37 64.11 10.68
N LEU C 175 16.77 63.52 9.55
CA LEU C 175 17.40 64.28 8.47
C LEU C 175 16.34 64.68 7.45
N ALA C 176 15.23 63.95 7.46
CA ALA C 176 14.14 64.14 6.50
C ALA C 176 13.36 65.40 6.87
N GLU C 177 12.40 65.23 7.79
CA GLU C 177 11.63 66.35 8.33
C GLU C 177 11.79 66.42 9.84
N GLY C 212 0.03 41.98 7.27
CA GLY C 212 1.38 41.67 6.86
C GLY C 212 2.39 41.94 7.95
N ALA C 213 1.98 42.75 8.93
CA ALA C 213 2.84 43.06 10.07
C ALA C 213 3.12 41.85 10.95
N PHE C 214 2.15 40.95 11.08
CA PHE C 214 2.32 39.80 11.98
C PHE C 214 3.36 38.76 11.64
N VAL C 215 3.57 38.46 10.37
CA VAL C 215 4.63 37.53 9.98
C VAL C 215 5.84 37.95 10.80
N MET C 216 6.20 39.23 10.68
CA MET C 216 7.27 39.84 11.46
C MET C 216 6.97 39.85 12.95
N GLY C 217 5.69 40.01 13.32
CA GLY C 217 5.34 40.08 14.73
C GLY C 217 5.64 38.78 15.46
N MET C 218 4.80 37.77 15.24
CA MET C 218 5.07 36.44 15.78
C MET C 218 6.48 35.99 15.41
N GLY C 219 6.93 36.35 14.20
CA GLY C 219 8.30 36.06 13.80
C GLY C 219 9.38 36.49 14.78
N ASP C 220 9.24 37.65 15.42
CA ASP C 220 10.25 38.02 16.41
C ASP C 220 9.82 37.55 17.80
N LEU C 221 8.52 37.27 17.93
CA LEU C 221 7.98 36.56 19.10
C LEU C 221 8.72 35.23 19.31
N ILE C 222 9.12 34.62 18.20
CA ILE C 222 9.77 33.31 18.18
C ILE C 222 11.16 33.27 18.83
N MET C 223 11.99 34.25 18.50
CA MET C 223 13.42 34.25 18.81
C MET C 223 13.86 33.88 20.26
N PRO C 224 13.35 34.58 21.30
CA PRO C 224 13.85 34.22 22.63
C PRO C 224 13.39 32.82 23.08
N SER C 225 12.24 32.43 22.54
CA SER C 225 11.64 31.14 22.80
C SER C 225 12.57 30.05 22.28
N ILE C 226 13.26 30.31 21.17
CA ILE C 226 14.24 29.35 20.67
C ILE C 226 15.40 29.21 21.65
N LEU C 227 15.81 30.30 22.29
CA LEU C 227 16.88 30.19 23.29
C LEU C 227 16.36 29.44 24.52
N VAL C 228 15.04 29.39 24.66
CA VAL C 228 14.45 28.67 25.79
C VAL C 228 14.38 27.16 25.53
N VAL C 229 13.93 26.80 24.33
CA VAL C 229 13.93 25.42 23.87
C VAL C 229 15.36 24.87 23.86
N SER C 230 16.27 25.62 23.23
CA SER C 230 17.67 25.22 23.22
C SER C 230 18.17 25.12 24.67
N SER C 231 17.62 25.94 25.55
CA SER C 231 17.98 25.84 26.96
C SER C 231 17.43 24.54 27.57
N HIS C 232 16.42 23.95 26.94
CA HIS C 232 16.03 22.58 27.22
C HIS C 232 16.94 21.52 26.62
N VAL C 233 17.60 21.83 25.51
CA VAL C 233 18.68 20.96 25.02
C VAL C 233 19.80 20.84 26.06
N PHE C 234 20.18 21.96 26.66
CA PHE C 234 21.10 21.92 27.80
C PHE C 234 20.48 22.57 29.03
N VAL C 240 21.24 21.89 37.52
CA VAL C 240 21.16 22.07 36.08
C VAL C 240 19.77 21.59 35.61
N LEU C 241 19.03 20.97 36.52
CA LEU C 241 17.69 20.48 36.21
C LEU C 241 16.66 20.90 37.25
N TRP C 242 15.58 20.12 37.34
CA TRP C 242 14.51 20.29 38.32
C TRP C 242 13.71 21.56 38.15
N THR C 243 12.93 21.90 39.18
CA THR C 243 12.05 23.06 39.19
C THR C 243 11.30 23.11 37.87
N LEU C 244 10.59 22.02 37.59
CA LEU C 244 9.89 21.79 36.33
C LEU C 244 10.75 21.86 35.06
N SER C 245 11.70 22.79 34.97
CA SER C 245 12.43 22.98 33.72
C SER C 245 13.65 23.90 33.72
N ALA C 246 13.89 24.65 34.80
CA ALA C 246 14.95 25.68 34.82
C ALA C 246 16.32 25.22 34.30
N PRO C 247 17.13 26.15 33.76
CA PRO C 247 17.00 27.61 33.79
C PRO C 247 15.83 28.10 32.93
N THR C 248 15.82 27.75 31.64
CA THR C 248 14.68 27.93 30.73
C THR C 248 13.59 28.92 31.16
N LEU C 249 12.89 28.59 32.24
CA LEU C 249 11.98 29.52 32.91
C LEU C 249 12.65 30.86 33.21
N GLY C 250 13.85 30.85 33.80
CA GLY C 250 14.57 32.07 34.07
C GLY C 250 14.62 32.94 32.83
N ALA C 251 14.97 32.30 31.72
CA ALA C 251 14.99 32.92 30.40
C ALA C 251 13.62 33.47 30.03
N MET C 252 12.56 32.76 30.38
CA MET C 252 11.20 33.21 30.08
C MET C 252 10.85 34.46 30.88
N VAL C 253 11.26 34.49 32.14
CA VAL C 253 11.04 35.64 33.02
C VAL C 253 11.76 36.85 32.45
N GLY C 254 13.02 36.64 32.08
CA GLY C 254 13.82 37.70 31.50
C GLY C 254 13.24 38.15 30.18
N SER C 255 12.60 37.22 29.48
CA SER C 255 11.98 37.48 28.19
C SER C 255 10.79 38.39 28.41
N LEU C 256 10.09 38.15 29.51
CA LEU C 256 8.93 38.95 29.88
C LEU C 256 9.35 40.34 30.34
N VAL C 257 10.49 40.41 31.01
CA VAL C 257 11.01 41.69 31.45
C VAL C 257 11.48 42.48 30.23
N GLY C 258 12.02 41.76 29.25
CA GLY C 258 12.43 42.34 27.99
C GLY C 258 11.23 42.92 27.29
N LEU C 259 10.17 42.12 27.21
CA LEU C 259 8.91 42.52 26.60
C LEU C 259 8.37 43.75 27.32
N ALA C 260 8.58 43.81 28.64
CA ALA C 260 8.16 44.95 29.44
C ALA C 260 8.93 46.20 28.99
N VAL C 261 10.26 46.08 28.94
CA VAL C 261 11.11 47.19 28.52
C VAL C 261 10.67 47.66 27.13
N LEU C 262 10.25 46.71 26.30
CA LEU C 262 9.73 47.04 24.98
C LEU C 262 8.44 47.83 25.09
N LEU C 263 7.52 47.35 25.92
CA LEU C 263 6.21 47.96 26.07
C LEU C 263 6.32 49.36 26.67
N TYR C 264 7.47 49.63 27.27
CA TYR C 264 7.75 50.96 27.82
C TYR C 264 8.45 51.86 26.80
N PHE C 265 9.62 51.42 26.35
CA PHE C 265 10.48 52.18 25.44
C PHE C 265 9.89 52.49 24.07
N VAL C 266 9.10 51.57 23.51
CA VAL C 266 8.45 51.81 22.24
C VAL C 266 7.34 52.87 22.30
N ASN C 267 6.62 52.93 23.41
CA ASN C 267 5.59 53.96 23.58
C ASN C 267 6.17 55.28 24.05
N GLN C 272 12.18 52.45 21.19
CA GLN C 272 12.24 51.70 19.94
C GLN C 272 13.62 51.10 19.71
N ALA C 273 13.64 49.76 19.65
CA ALA C 273 14.79 48.98 19.24
C ALA C 273 14.26 47.82 18.37
N GLY C 274 13.41 46.92 18.87
CA GLY C 274 12.97 46.78 20.24
C GLY C 274 13.27 45.36 20.65
N LEU C 275 13.93 44.70 19.72
CA LEU C 275 14.46 43.35 19.85
C LEU C 275 15.60 43.19 20.89
N PRO C 276 16.57 44.14 20.94
CA PRO C 276 17.59 43.98 22.01
C PRO C 276 17.01 43.92 23.44
N PRO C 277 15.85 44.54 23.71
CA PRO C 277 15.25 44.25 25.01
C PRO C 277 14.73 42.81 25.12
N LEU C 278 14.01 42.30 24.12
CA LEU C 278 13.47 40.94 24.23
C LEU C 278 14.57 39.89 24.26
N ASN C 279 15.48 39.93 23.30
CA ASN C 279 16.66 39.06 23.28
C ASN C 279 17.61 39.25 24.45
N GLY C 280 18.18 40.45 24.56
CA GLY C 280 19.11 40.75 25.63
C GLY C 280 18.54 40.49 27.01
N GLY C 281 17.21 40.61 27.10
CA GLY C 281 16.52 40.44 28.35
C GLY C 281 16.20 39.00 28.65
N ALA C 282 15.85 38.24 27.61
CA ALA C 282 15.63 36.80 27.76
C ALA C 282 16.94 36.09 28.06
N ILE C 283 18.01 36.52 27.41
CA ILE C 283 19.38 36.11 27.73
C ILE C 283 19.74 36.45 29.18
N LEU C 284 19.46 37.70 29.57
CA LEU C 284 19.71 38.16 30.93
C LEU C 284 18.97 37.28 31.95
N GLY C 285 17.72 36.95 31.63
CA GLY C 285 16.90 36.11 32.49
C GLY C 285 17.44 34.70 32.50
N PHE C 286 17.95 34.26 31.35
CA PHE C 286 18.55 32.95 31.19
C PHE C 286 19.73 32.77 32.14
N LEU C 287 20.63 33.74 32.14
CA LEU C 287 21.75 33.72 33.08
C LEU C 287 21.30 33.97 34.52
N VAL C 288 20.18 34.66 34.71
CA VAL C 288 19.64 34.84 36.05
C VAL C 288 19.12 33.51 36.60
N GLY C 289 18.64 32.66 35.70
CA GLY C 289 18.18 31.33 36.05
C GLY C 289 19.25 30.26 36.01
N ALA C 290 20.42 30.61 35.48
CA ALA C 290 21.53 29.66 35.37
C ALA C 290 22.69 29.93 36.32
N ALA C 291 23.08 31.19 36.46
CA ALA C 291 24.25 31.57 37.27
C ALA C 291 24.17 31.19 38.75
N LEU C 292 23.10 30.52 39.17
CA LEU C 292 23.00 30.03 40.53
C LEU C 292 23.45 28.58 40.63
N ALA C 293 23.27 27.84 39.54
CA ALA C 293 23.61 26.42 39.50
C ALA C 293 23.90 25.97 38.08
N TRP D 6 50.37 70.97 -0.44
CA TRP D 6 50.29 70.93 1.02
C TRP D 6 51.35 69.96 1.55
N LEU D 7 51.14 69.47 2.77
CA LEU D 7 52.07 68.52 3.37
C LEU D 7 51.36 67.44 4.23
N PRO D 8 50.42 67.84 5.11
CA PRO D 8 49.73 66.77 5.86
C PRO D 8 48.65 66.03 5.07
N LEU D 9 47.80 66.77 4.37
CA LEU D 9 46.68 66.22 3.60
C LEU D 9 47.03 65.39 2.37
N LEU D 10 48.30 65.14 2.13
CA LEU D 10 48.71 64.23 1.06
C LEU D 10 49.00 62.86 1.64
N GLY D 11 47.98 62.00 1.62
CA GLY D 11 48.04 60.72 2.31
C GLY D 11 47.40 59.53 1.64
N MET D 12 46.80 59.69 0.47
CA MET D 12 46.22 58.53 -0.20
C MET D 12 47.31 57.50 -0.57
N PRO D 13 48.53 57.96 -0.91
CA PRO D 13 49.63 56.98 -0.99
C PRO D 13 49.88 56.25 0.33
N LEU D 14 49.66 56.92 1.46
CA LEU D 14 49.71 56.25 2.76
C LEU D 14 48.75 55.07 2.70
N MET D 15 47.52 55.31 2.25
CA MET D 15 46.52 54.25 2.15
C MET D 15 47.05 53.12 1.27
N LEU D 16 47.78 53.49 0.21
CA LEU D 16 48.39 52.50 -0.69
C LEU D 16 49.36 51.60 0.08
N LEU D 17 50.45 52.21 0.53
CA LEU D 17 51.51 51.54 1.27
C LEU D 17 50.94 50.66 2.37
N PHE D 18 50.02 51.22 3.15
CA PHE D 18 49.37 50.47 4.22
C PHE D 18 48.65 49.24 3.69
N VAL D 19 47.87 49.39 2.61
CA VAL D 19 47.21 48.20 2.06
C VAL D 19 48.26 47.13 1.70
N GLN D 20 49.38 47.55 1.11
CA GLN D 20 50.45 46.60 0.79
C GLN D 20 51.06 45.89 2.01
N ILE D 21 51.43 46.69 3.01
CA ILE D 21 52.01 46.19 4.24
C ILE D 21 51.06 45.21 4.91
N ILE D 22 49.84 45.66 5.22
CA ILE D 22 48.86 44.80 5.89
C ILE D 22 48.49 43.61 5.00
N ALA D 23 48.78 43.73 3.70
CA ALA D 23 48.65 42.58 2.80
C ALA D 23 49.75 41.56 3.08
N ILE D 24 50.95 42.04 3.42
CA ILE D 24 52.08 41.17 3.79
C ILE D 24 51.84 40.49 5.15
N VAL D 25 51.51 41.36 6.11
CA VAL D 25 51.21 40.92 7.47
C VAL D 25 50.08 39.90 7.39
N LEU D 26 49.19 40.04 6.42
CA LEU D 26 48.20 38.99 6.20
C LEU D 26 48.74 37.86 5.30
N VAL D 27 49.86 38.11 4.60
CA VAL D 27 50.49 37.15 3.69
C VAL D 27 50.78 35.92 4.50
N MET D 28 51.37 36.13 5.67
CA MET D 28 51.69 34.97 6.49
C MET D 28 50.43 34.17 6.94
N PRO D 29 49.59 34.71 7.85
CA PRO D 29 48.54 33.91 8.49
C PRO D 29 47.43 33.37 7.58
N MET D 30 47.23 33.97 6.42
CA MET D 30 46.13 33.59 5.53
C MET D 30 46.28 32.20 4.88
N GLN D 31 47.44 31.58 5.02
CA GLN D 31 47.59 30.22 4.50
C GLN D 31 47.14 29.21 5.56
N ALA D 32 47.30 29.58 6.82
CA ALA D 32 46.79 28.78 7.93
C ALA D 32 45.26 28.73 7.93
N PRO D 41 47.56 26.62 -9.34
CA PRO D 41 48.62 25.95 -10.08
C PRO D 41 49.34 26.90 -11.03
N SER D 42 49.21 28.19 -10.78
CA SER D 42 49.91 29.23 -11.53
C SER D 42 49.60 29.14 -13.02
N SER D 43 48.36 28.79 -13.35
CA SER D 43 47.92 28.74 -14.74
C SER D 43 47.30 30.08 -15.15
N VAL D 44 47.55 30.49 -16.39
CA VAL D 44 47.09 31.79 -16.85
C VAL D 44 45.60 31.84 -17.13
N ALA D 45 44.92 30.70 -17.04
CA ALA D 45 43.46 30.69 -17.17
C ALA D 45 42.77 31.18 -15.91
N ASN D 46 43.48 31.08 -14.79
CA ASN D 46 42.98 31.54 -13.50
C ASN D 46 42.58 33.03 -13.43
N PRO D 47 43.44 33.96 -13.93
CA PRO D 47 42.98 35.36 -14.03
C PRO D 47 41.67 35.54 -14.79
N LEU D 48 41.51 34.80 -15.88
CA LEU D 48 40.30 34.83 -16.69
C LEU D 48 39.08 34.31 -15.94
N ILE D 49 39.21 33.13 -15.34
CA ILE D 49 38.15 32.56 -14.50
C ILE D 49 37.78 33.58 -13.41
N PHE D 50 38.79 34.25 -12.88
CA PHE D 50 38.62 35.30 -11.87
C PHE D 50 37.75 36.45 -12.36
N ILE D 51 38.18 37.10 -13.45
CA ILE D 51 37.45 38.22 -14.02
C ILE D 51 36.01 37.80 -14.26
N GLY D 52 35.82 36.72 -15.01
CA GLY D 52 34.50 36.18 -15.27
C GLY D 52 33.64 35.98 -14.04
N MET D 53 34.25 35.44 -12.98
CA MET D 53 33.53 35.25 -11.73
C MET D 53 33.13 36.59 -11.12
N LEU D 54 34.00 37.60 -11.24
CA LEU D 54 33.66 38.91 -10.71
C LEU D 54 32.45 39.46 -11.46
N LEU D 55 32.47 39.28 -12.77
CA LEU D 55 31.41 39.73 -13.66
C LEU D 55 30.08 39.08 -13.33
N ALA D 56 30.12 37.77 -13.09
CA ALA D 56 28.92 37.00 -12.75
C ALA D 56 28.42 37.37 -11.36
N PHE D 57 29.35 37.68 -10.47
CA PHE D 57 28.99 38.14 -9.13
C PHE D 57 28.27 39.49 -9.20
N THR D 58 28.79 40.44 -9.97
CA THR D 58 28.10 41.72 -10.08
C THR D 58 26.73 41.50 -10.71
N LEU D 59 26.68 40.74 -11.81
CA LEU D 59 25.44 40.44 -12.51
C LEU D 59 24.34 39.86 -11.59
N VAL D 60 24.71 38.83 -10.84
CA VAL D 60 23.78 38.19 -9.92
C VAL D 60 23.40 39.11 -8.78
N LEU D 61 24.39 39.76 -8.18
CA LEU D 61 24.17 40.68 -7.08
C LEU D 61 23.21 41.80 -7.50
N LEU D 62 23.28 42.14 -8.79
CA LEU D 62 22.42 43.13 -9.41
C LEU D 62 21.01 42.59 -9.51
N VAL D 63 20.87 41.32 -9.92
CA VAL D 63 19.54 40.72 -9.98
C VAL D 63 18.95 40.71 -8.56
N LEU D 64 19.84 40.54 -7.59
CA LEU D 64 19.52 40.63 -6.17
C LEU D 64 19.10 42.06 -5.81
N LEU D 65 19.61 43.03 -6.55
CA LEU D 65 19.13 44.38 -6.37
C LEU D 65 17.72 44.55 -6.90
N ARG D 66 17.48 44.22 -8.17
CA ARG D 66 16.10 44.42 -8.62
C ARG D 66 15.09 43.53 -7.89
N THR D 67 15.51 42.39 -7.33
CA THR D 67 14.54 41.62 -6.60
C THR D 67 14.61 41.83 -5.08
N GLY D 68 15.54 42.67 -4.64
CA GLY D 68 15.65 43.02 -3.24
C GLY D 68 16.16 44.43 -3.04
N GLY D 69 15.98 45.31 -4.03
CA GLY D 69 16.27 46.75 -3.88
C GLY D 69 15.65 47.42 -2.67
N ARG D 70 14.57 46.84 -2.18
CA ARG D 70 13.79 47.37 -1.08
C ARG D 70 14.68 47.67 0.15
N ARG D 71 15.54 46.70 0.49
CA ARG D 71 16.45 46.72 1.65
C ARG D 71 16.99 45.34 1.94
N PHE D 72 16.53 44.36 1.17
CA PHE D 72 17.04 42.99 1.23
C PHE D 72 18.55 42.98 0.99
N ILE D 73 19.02 43.75 0.01
CA ILE D 73 20.42 43.66 -0.39
C ILE D 73 21.28 44.46 0.58
N ALA D 74 20.68 45.44 1.24
CA ALA D 74 21.36 46.22 2.27
C ALA D 74 21.81 45.29 3.39
N ALA D 75 20.93 44.37 3.76
CA ALA D 75 21.22 43.37 4.77
C ALA D 75 22.13 42.28 4.21
N PHE D 76 21.73 41.67 3.10
CA PHE D 76 22.54 40.68 2.39
C PHE D 76 24.03 41.07 2.35
N ILE D 77 24.26 42.33 1.98
CA ILE D 77 25.60 42.88 1.97
C ILE D 77 26.14 43.09 3.39
N GLY D 78 25.30 43.59 4.30
CA GLY D 78 25.81 43.89 5.64
C GLY D 78 26.34 42.64 6.32
N PHE D 79 25.58 41.55 6.15
CA PHE D 79 25.94 40.26 6.70
C PHE D 79 27.14 39.67 5.98
N ALA D 80 27.14 39.71 4.65
CA ALA D 80 28.33 39.29 3.89
C ALA D 80 29.59 39.97 4.43
N LEU D 81 29.44 41.26 4.73
CA LEU D 81 30.48 42.08 5.35
C LEU D 81 30.91 41.49 6.68
N PHE D 82 29.93 41.17 7.52
CA PHE D 82 30.22 40.55 8.80
C PHE D 82 31.03 39.26 8.65
N MET D 83 30.64 38.42 7.69
CA MET D 83 31.29 37.14 7.47
C MET D 83 32.75 37.31 7.03
N THR D 84 32.98 38.13 6.01
CA THR D 84 34.34 38.36 5.54
C THR D 84 35.19 39.02 6.63
N PHE D 85 34.53 39.83 7.48
CA PHE D 85 35.20 40.45 8.61
C PHE D 85 35.62 39.39 9.63
N LEU D 86 34.76 38.36 9.77
CA LEU D 86 35.07 37.18 10.57
C LEU D 86 36.35 36.56 10.04
N TYR D 87 36.44 36.44 8.73
CA TYR D 87 37.65 35.89 8.11
C TYR D 87 38.90 36.73 8.44
N ILE D 88 38.75 38.06 8.39
CA ILE D 88 39.86 38.97 8.68
C ILE D 88 40.39 38.77 10.11
N PHE D 89 39.51 38.90 11.10
CA PHE D 89 39.89 38.78 12.51
C PHE D 89 40.40 37.36 12.77
N GLY D 90 39.59 36.42 12.32
CA GLY D 90 39.91 35.01 12.21
C GLY D 90 41.38 34.74 11.93
N ALA D 91 41.94 35.32 10.87
CA ALA D 91 43.35 35.07 10.57
C ALA D 91 44.29 35.49 11.74
N LEU D 92 44.05 36.68 12.30
CA LEU D 92 44.88 37.18 13.40
C LEU D 92 44.72 36.39 14.71
N SER D 93 43.62 35.63 14.82
CA SER D 93 43.35 34.92 16.07
C SER D 93 43.83 33.49 15.91
N LEU D 94 43.66 32.95 14.71
CA LEU D 94 44.13 31.63 14.37
C LEU D 94 45.66 31.67 14.47
N LEU D 95 46.20 32.86 14.23
CA LEU D 95 47.58 33.15 14.57
C LEU D 95 47.81 33.20 16.09
N ALA D 96 47.41 34.33 16.69
CA ALA D 96 47.62 34.63 18.12
C ALA D 96 47.79 33.45 19.08
N LEU D 97 46.69 32.82 19.48
CA LEU D 97 46.75 31.73 20.45
C LEU D 97 46.67 30.32 19.87
N GLY D 98 46.58 30.19 18.55
CA GLY D 98 45.98 29.02 17.95
C GLY D 98 44.49 28.94 18.25
N PRO D 99 43.83 27.87 17.81
CA PRO D 99 42.38 27.94 18.03
C PRO D 99 41.81 26.85 18.93
N THR D 100 41.05 27.19 19.98
CA THR D 100 40.83 28.57 20.44
C THR D 100 40.57 28.58 21.93
N THR D 101 40.96 29.67 22.58
CA THR D 101 40.59 29.91 23.97
C THR D 101 39.62 31.08 23.91
N ALA D 102 40.16 32.24 23.58
CA ALA D 102 39.37 33.44 23.38
C ALA D 102 39.65 33.98 21.98
N ALA D 103 40.13 33.10 21.11
CA ALA D 103 40.40 33.46 19.72
C ALA D 103 39.13 33.61 18.90
N ALA D 104 38.31 32.54 18.88
CA ALA D 104 37.06 32.55 18.14
C ALA D 104 36.19 33.69 18.65
N ALA D 105 36.07 33.76 19.97
CA ALA D 105 35.34 34.83 20.63
C ALA D 105 35.90 36.17 20.17
N GLY D 106 37.22 36.26 20.10
CA GLY D 106 37.90 37.45 19.63
C GLY D 106 37.45 37.90 18.26
N THR D 107 37.32 36.95 17.33
CA THR D 107 36.95 37.32 15.96
C THR D 107 35.45 37.61 15.84
N LEU D 108 34.63 36.90 16.61
CA LEU D 108 33.21 37.16 16.57
C LEU D 108 32.90 38.55 17.13
N ILE D 109 33.36 38.80 18.36
CA ILE D 109 33.18 40.10 18.99
C ILE D 109 33.81 41.21 18.13
N GLY D 110 34.98 40.93 17.58
CA GLY D 110 35.66 41.90 16.74
C GLY D 110 34.81 42.29 15.55
N ALA D 111 34.36 41.29 14.80
CA ALA D 111 33.67 41.56 13.55
C ALA D 111 32.31 42.21 13.80
N VAL D 112 31.62 41.79 14.86
CA VAL D 112 30.35 42.42 15.17
C VAL D 112 30.59 43.88 15.60
N ALA D 113 31.64 44.11 16.40
CA ALA D 113 31.96 45.45 16.88
C ALA D 113 32.23 46.40 15.71
N VAL D 114 33.12 45.95 14.83
CA VAL D 114 33.56 46.73 13.68
C VAL D 114 32.39 47.01 12.73
N THR D 115 31.60 45.98 12.43
CA THR D 115 30.46 46.16 11.53
C THR D 115 29.47 47.14 12.15
N ALA D 116 29.31 47.03 13.47
CA ALA D 116 28.45 47.95 14.20
C ALA D 116 28.95 49.38 14.03
N LEU D 117 30.25 49.61 14.18
CA LEU D 117 30.81 50.95 14.02
C LEU D 117 30.58 51.47 12.61
N LEU D 118 30.91 50.65 11.62
CA LEU D 118 30.74 51.01 10.22
C LEU D 118 29.31 51.44 9.91
N TYR D 119 28.34 50.76 10.52
CA TYR D 119 26.94 51.12 10.29
C TYR D 119 26.41 52.26 11.17
N LEU D 120 27.17 52.67 12.18
CA LEU D 120 26.73 53.79 13.02
C LEU D 120 27.16 55.12 12.41
N TYR D 121 27.18 55.16 11.07
CA TYR D 121 27.71 56.29 10.31
C TYR D 121 29.15 56.65 10.67
N PRO D 122 30.08 56.32 9.77
CA PRO D 122 31.54 56.26 9.81
C PRO D 122 32.25 57.62 9.82
N GLU D 123 32.88 57.92 10.96
CA GLU D 123 33.64 59.15 11.12
C GLU D 123 34.82 59.21 10.14
N TRP D 124 34.51 59.72 8.94
CA TRP D 124 35.48 59.99 7.86
C TRP D 124 36.72 59.12 7.81
N TYR D 125 37.65 59.36 8.72
CA TYR D 125 38.92 58.62 8.78
C TYR D 125 38.66 57.13 8.93
N VAL D 126 37.64 56.79 9.71
CA VAL D 126 37.23 55.41 9.96
C VAL D 126 37.00 54.65 8.65
N ILE D 127 36.16 55.17 7.77
CA ILE D 127 35.90 54.50 6.49
C ILE D 127 37.23 54.25 5.78
N ASP D 128 38.11 55.24 5.79
CA ASP D 128 39.40 55.10 5.13
C ASP D 128 40.24 53.94 5.69
N ILE D 129 40.45 53.92 7.01
CA ILE D 129 41.28 52.87 7.63
C ILE D 129 40.64 51.49 7.40
N LEU D 130 39.33 51.38 7.64
CA LEU D 130 38.61 50.11 7.43
C LEU D 130 38.76 49.65 5.99
N GLY D 131 38.63 50.60 5.07
CA GLY D 131 38.84 50.34 3.65
C GLY D 131 40.23 49.77 3.43
N VAL D 132 41.21 50.33 4.12
CA VAL D 132 42.61 49.91 3.96
C VAL D 132 42.74 48.46 4.42
N LEU D 133 42.07 48.16 5.53
CA LEU D 133 42.06 46.81 6.06
C LEU D 133 41.50 45.87 5.01
N ILE D 134 40.20 46.01 4.72
CA ILE D 134 39.52 45.22 3.68
C ILE D 134 40.37 44.98 2.43
N SER D 135 40.85 46.08 1.85
CA SER D 135 41.64 46.03 0.62
C SER D 135 42.89 45.19 0.81
N ALA D 136 43.60 45.42 1.91
CA ALA D 136 44.78 44.63 2.25
C ALA D 136 44.41 43.15 2.39
N GLY D 137 43.19 42.90 2.88
CA GLY D 137 42.66 41.56 3.01
C GLY D 137 42.59 40.87 1.67
N VAL D 138 41.86 41.48 0.74
CA VAL D 138 41.71 40.91 -0.60
C VAL D 138 43.08 40.74 -1.25
N ALA D 139 43.92 41.75 -1.04
CA ALA D 139 45.28 41.78 -1.57
C ALA D 139 46.05 40.54 -1.16
N SER D 140 46.00 40.27 0.13
CA SER D 140 46.60 39.08 0.70
C SER D 140 46.02 37.81 0.11
N ILE D 141 44.70 37.69 0.12
CA ILE D 141 44.05 36.46 -0.34
C ILE D 141 44.44 36.10 -1.78
N PHE D 142 44.27 37.03 -2.72
CA PHE D 142 44.57 36.69 -4.12
C PHE D 142 46.08 36.59 -4.36
N GLY D 143 46.84 37.45 -3.67
CA GLY D 143 48.28 37.48 -3.78
C GLY D 143 48.88 36.14 -3.38
N ILE D 144 48.26 35.57 -2.36
CA ILE D 144 48.53 34.23 -1.85
C ILE D 144 48.03 33.16 -2.80
N SER D 145 46.91 33.43 -3.46
CA SER D 145 46.24 32.44 -4.31
C SER D 145 47.07 32.02 -5.52
N LEU D 146 47.45 32.95 -6.40
CA LEU D 146 48.35 32.61 -7.51
C LEU D 146 49.36 33.67 -7.93
N GLU D 147 50.14 33.34 -8.97
CA GLU D 147 51.52 33.82 -9.13
C GLU D 147 51.73 34.70 -10.39
N PRO D 148 52.93 35.35 -10.54
CA PRO D 148 53.20 36.34 -11.60
C PRO D 148 52.61 36.17 -13.00
N LEU D 149 53.31 35.59 -13.97
CA LEU D 149 52.86 35.62 -15.38
C LEU D 149 51.31 35.64 -15.64
N PRO D 150 50.53 34.77 -14.95
CA PRO D 150 49.08 34.98 -14.97
C PRO D 150 48.65 36.32 -14.37
N VAL D 151 49.20 36.64 -13.21
CA VAL D 151 48.93 37.89 -12.50
C VAL D 151 49.24 39.10 -13.39
N LEU D 152 50.39 39.05 -14.05
CA LEU D 152 50.84 40.07 -14.99
C LEU D 152 49.82 40.24 -16.11
N VAL D 153 49.35 39.11 -16.60
CA VAL D 153 48.32 39.08 -17.63
C VAL D 153 47.04 39.76 -17.11
N LEU D 154 46.69 39.49 -15.86
CA LEU D 154 45.52 40.10 -15.23
C LEU D 154 45.63 41.61 -15.24
N LEU D 155 46.77 42.10 -14.74
CA LEU D 155 47.03 43.53 -14.69
C LEU D 155 46.83 44.16 -16.06
N VAL D 156 47.54 43.64 -17.07
CA VAL D 156 47.46 44.26 -18.39
C VAL D 156 46.04 44.21 -18.97
N LEU D 157 45.35 43.09 -18.77
CA LEU D 157 43.98 42.94 -19.27
C LEU D 157 43.01 43.96 -18.66
N LEU D 158 42.98 44.00 -17.33
CA LEU D 158 42.08 44.90 -16.62
C LEU D 158 42.38 46.34 -16.97
N ALA D 159 43.67 46.67 -16.99
CA ALA D 159 44.11 48.03 -17.32
C ALA D 159 43.61 48.44 -18.71
N VAL D 160 43.82 47.56 -19.69
CA VAL D 160 43.38 47.86 -21.05
C VAL D 160 41.86 48.02 -21.18
N TYR D 161 41.08 47.17 -20.49
CA TYR D 161 39.63 47.38 -20.41
C TYR D 161 39.36 48.80 -19.93
N ASP D 162 40.01 49.16 -18.82
CA ASP D 162 39.79 50.45 -18.18
C ASP D 162 40.01 51.59 -19.17
N ALA D 163 41.19 51.60 -19.79
CA ALA D 163 41.55 52.62 -20.77
C ALA D 163 40.51 52.74 -21.88
N ILE D 164 40.02 51.59 -22.36
CA ILE D 164 39.00 51.63 -23.41
C ILE D 164 37.69 52.22 -22.87
N SER D 165 37.39 51.95 -21.60
CA SER D 165 36.13 52.41 -21.01
C SER D 165 36.10 53.92 -20.89
N VAL D 166 37.25 54.47 -20.49
CA VAL D 166 37.40 55.92 -20.41
C VAL D 166 37.37 56.53 -21.81
N TYR D 167 38.07 55.94 -22.77
CA TYR D 167 38.02 56.49 -24.12
C TYR D 167 36.57 56.55 -24.61
N ARG D 168 35.83 55.48 -24.34
CA ARG D 168 34.41 55.41 -24.68
C ARG D 168 33.58 56.55 -24.08
N THR D 169 33.70 56.75 -22.78
CA THR D 169 32.87 57.75 -22.11
C THR D 169 33.28 59.19 -22.48
N LYS D 170 34.58 59.40 -22.73
CA LYS D 170 35.06 60.73 -23.07
C LYS D 170 34.58 61.07 -24.47
N HIS D 171 34.80 60.13 -25.39
CA HIS D 171 34.28 60.26 -26.76
C HIS D 171 32.76 60.51 -26.72
N MET D 172 32.12 59.99 -25.67
CA MET D 172 30.68 60.18 -25.51
C MET D 172 30.38 61.55 -24.94
N ILE D 173 31.38 62.21 -24.35
CA ILE D 173 31.18 63.60 -23.97
C ILE D 173 31.33 64.44 -25.22
N THR D 174 32.44 64.25 -25.94
CA THR D 174 32.69 65.10 -27.10
C THR D 174 31.60 64.92 -28.16
N LEU D 175 30.91 63.79 -28.14
CA LEU D 175 29.77 63.62 -29.03
C LEU D 175 28.43 64.03 -28.42
N ALA D 176 28.45 64.69 -27.27
CA ALA D 176 27.18 65.04 -26.65
C ALA D 176 26.65 66.31 -27.28
N GLU D 177 27.60 67.18 -27.68
CA GLU D 177 27.29 68.43 -28.35
C GLU D 177 28.10 68.59 -29.64
N GLY D 178 29.39 68.27 -29.54
CA GLY D 178 30.38 68.48 -30.58
C GLY D 178 30.06 67.93 -31.97
N VAL D 179 30.88 66.99 -32.42
CA VAL D 179 30.62 66.27 -33.66
C VAL D 179 29.54 65.22 -33.47
N GLY D 212 30.04 56.06 -2.65
CA GLY D 212 29.94 54.72 -3.21
C GLY D 212 31.05 54.41 -4.19
N ALA D 213 31.72 55.46 -4.66
CA ALA D 213 32.83 55.30 -5.60
C ALA D 213 34.01 54.59 -4.95
N PHE D 214 34.18 54.80 -3.64
CA PHE D 214 35.34 54.28 -2.93
C PHE D 214 35.41 52.75 -2.94
N VAL D 215 34.27 52.10 -3.11
CA VAL D 215 34.26 50.66 -3.37
C VAL D 215 35.22 50.36 -4.52
N MET D 216 35.01 51.06 -5.63
CA MET D 216 35.86 50.96 -6.80
C MET D 216 37.26 51.51 -6.53
N GLY D 217 37.35 52.57 -5.73
CA GLY D 217 38.60 53.23 -5.41
C GLY D 217 39.52 52.22 -4.75
N MET D 218 39.13 51.80 -3.57
CA MET D 218 39.79 50.71 -2.87
C MET D 218 39.99 49.49 -3.77
N GLY D 219 39.05 49.20 -4.68
CA GLY D 219 39.29 48.14 -5.66
C GLY D 219 40.54 48.31 -6.52
N ASP D 220 40.79 49.53 -6.98
CA ASP D 220 41.96 49.73 -7.82
C ASP D 220 43.18 49.87 -6.92
N LEU D 221 42.93 50.25 -5.67
CA LEU D 221 43.94 50.24 -4.63
C LEU D 221 44.45 48.81 -4.47
N ILE D 222 43.49 47.89 -4.58
CA ILE D 222 43.72 46.46 -4.52
C ILE D 222 44.55 45.96 -5.69
N MET D 223 44.19 46.36 -6.91
CA MET D 223 44.77 45.73 -8.11
C MET D 223 46.29 45.49 -8.18
N PRO D 224 47.14 46.51 -7.93
CA PRO D 224 48.58 46.23 -8.03
C PRO D 224 49.14 45.54 -6.79
N SER D 225 48.63 45.93 -5.63
CA SER D 225 49.16 45.48 -4.35
C SER D 225 49.03 43.96 -4.22
N ILE D 226 47.95 43.43 -4.79
CA ILE D 226 47.75 41.99 -4.78
C ILE D 226 48.85 41.31 -5.55
N LEU D 227 49.22 41.91 -6.66
CA LEU D 227 50.20 41.33 -7.58
C LEU D 227 51.63 41.73 -7.23
N VAL D 228 51.75 42.40 -6.09
CA VAL D 228 53.02 42.76 -5.49
C VAL D 228 53.24 41.71 -4.44
N VAL D 229 52.19 41.43 -3.70
CA VAL D 229 52.24 40.30 -2.80
C VAL D 229 52.51 39.09 -3.67
N SER D 230 51.65 38.87 -4.66
CA SER D 230 51.76 37.76 -5.59
C SER D 230 53.05 37.76 -6.40
N SER D 231 53.90 38.77 -6.24
CA SER D 231 55.15 38.76 -6.99
C SER D 231 56.30 38.53 -6.01
N HIS D 232 56.05 38.82 -4.73
CA HIS D 232 56.97 38.49 -3.64
C HIS D 232 57.16 37.00 -3.38
N VAL D 233 56.10 36.22 -3.55
CA VAL D 233 56.17 34.76 -3.59
C VAL D 233 56.78 34.18 -4.85
N PHE D 234 58.05 34.50 -5.12
CA PHE D 234 58.74 33.92 -6.26
C PHE D 234 60.27 33.92 -6.11
N VAL D 235 60.93 34.89 -6.76
CA VAL D 235 62.39 34.95 -6.75
C VAL D 235 62.95 35.18 -5.36
N SER D 245 61.95 42.50 2.00
CA SER D 245 62.81 42.81 0.87
C SER D 245 62.58 41.82 -0.28
N ALA D 246 62.93 42.25 -1.49
CA ALA D 246 62.75 41.50 -2.74
C ALA D 246 62.99 42.48 -3.90
N PRO D 247 62.91 41.99 -5.16
CA PRO D 247 62.81 43.01 -6.22
C PRO D 247 61.43 43.66 -6.31
N THR D 248 60.48 43.10 -5.57
CA THR D 248 59.14 43.65 -5.40
C THR D 248 59.08 45.14 -5.07
N LEU D 249 60.18 45.66 -4.51
CA LEU D 249 60.38 47.09 -4.35
C LEU D 249 59.91 47.82 -5.59
N GLY D 250 60.48 47.46 -6.73
CA GLY D 250 60.11 48.08 -7.99
C GLY D 250 58.61 48.10 -8.23
N ALA D 251 57.96 46.96 -8.02
CA ALA D 251 56.51 46.89 -8.17
C ALA D 251 55.80 47.87 -7.25
N MET D 252 56.25 47.92 -6.00
CA MET D 252 55.64 48.82 -5.04
C MET D 252 55.97 50.23 -5.48
N VAL D 253 57.20 50.40 -5.94
CA VAL D 253 57.65 51.67 -6.46
C VAL D 253 56.78 51.99 -7.66
N GLY D 254 56.54 51.00 -8.51
CA GLY D 254 55.72 51.25 -9.68
C GLY D 254 54.31 51.65 -9.30
N SER D 255 53.82 51.10 -8.18
CA SER D 255 52.50 51.47 -7.70
C SER D 255 52.56 52.90 -7.24
N LEU D 256 53.68 53.28 -6.65
CA LEU D 256 53.83 54.62 -6.20
C LEU D 256 54.00 55.59 -7.38
N VAL D 257 54.75 55.19 -8.42
CA VAL D 257 54.97 56.11 -9.54
C VAL D 257 53.75 56.29 -10.42
N GLY D 258 52.94 55.25 -10.51
CA GLY D 258 51.68 55.32 -11.20
C GLY D 258 50.86 56.40 -10.53
N LEU D 259 50.81 56.37 -9.20
CA LEU D 259 50.04 57.36 -8.47
C LEU D 259 50.49 58.77 -8.78
N ALA D 260 51.79 58.97 -9.05
CA ALA D 260 52.25 60.30 -9.42
C ALA D 260 51.53 60.70 -10.69
N VAL D 261 51.65 59.88 -11.71
CA VAL D 261 51.03 60.20 -12.98
C VAL D 261 49.53 60.37 -12.75
N LEU D 262 48.97 59.52 -11.89
CA LEU D 262 47.55 59.60 -11.60
C LEU D 262 47.26 60.98 -11.04
N LEU D 263 47.98 61.34 -9.98
CA LEU D 263 47.72 62.61 -9.33
C LEU D 263 48.18 63.79 -10.18
N TYR D 264 48.97 63.54 -11.23
CA TYR D 264 49.32 64.62 -12.15
C TYR D 264 48.20 64.92 -13.16
N PHE D 265 47.87 63.93 -13.99
CA PHE D 265 46.89 64.12 -15.05
C PHE D 265 45.48 64.45 -14.54
N VAL D 266 45.15 63.93 -13.36
CA VAL D 266 43.89 64.28 -12.73
C VAL D 266 43.81 65.77 -12.39
N ASN D 267 44.92 66.36 -11.99
CA ASN D 267 44.96 67.79 -11.66
C ASN D 267 45.08 68.75 -12.83
N LYS D 268 44.23 68.53 -13.84
CA LYS D 268 43.98 69.47 -14.92
C LYS D 268 42.93 68.83 -15.82
N GLY D 269 42.89 67.51 -15.83
CA GLY D 269 41.96 66.80 -16.67
C GLY D 269 41.25 65.55 -16.16
N ASN D 270 40.83 64.80 -17.16
CA ASN D 270 40.08 63.55 -17.13
C ASN D 270 40.78 62.24 -16.72
N PRO D 271 42.00 61.98 -17.24
CA PRO D 271 42.50 60.60 -17.38
C PRO D 271 42.60 59.86 -16.04
N GLN D 272 42.61 58.52 -16.07
CA GLN D 272 42.70 57.73 -17.30
C GLN D 272 41.93 56.39 -17.51
N ALA D 273 41.02 55.92 -16.65
CA ALA D 273 40.74 56.32 -15.28
C ALA D 273 40.08 55.16 -14.58
N GLY D 274 40.66 54.68 -13.50
CA GLY D 274 41.94 55.19 -13.04
C GLY D 274 42.87 54.02 -12.85
N LEU D 275 44.16 54.22 -13.13
CA LEU D 275 45.26 53.28 -12.80
C LEU D 275 45.89 52.39 -13.90
N PRO D 276 45.44 52.46 -15.17
CA PRO D 276 46.31 51.70 -16.07
C PRO D 276 47.80 52.16 -16.09
N PRO D 277 48.10 53.45 -15.79
CA PRO D 277 49.51 53.73 -15.54
C PRO D 277 49.99 53.07 -14.26
N LEU D 278 49.09 52.89 -13.30
CA LEU D 278 49.40 52.24 -12.02
C LEU D 278 49.72 50.77 -12.22
N ASN D 279 48.86 50.08 -12.95
CA ASN D 279 49.06 48.69 -13.33
C ASN D 279 50.27 48.51 -14.23
N GLY D 280 50.23 49.10 -15.43
CA GLY D 280 51.34 49.02 -16.38
C GLY D 280 52.67 49.51 -15.83
N GLY D 281 52.58 50.40 -14.84
CA GLY D 281 53.73 51.02 -14.22
C GLY D 281 54.28 50.18 -13.08
N ALA D 282 53.40 49.52 -12.34
CA ALA D 282 53.82 48.56 -11.33
C ALA D 282 54.46 47.37 -12.02
N ILE D 283 53.88 46.99 -13.15
CA ILE D 283 54.48 46.02 -14.06
C ILE D 283 55.87 46.46 -14.48
N LEU D 284 55.97 47.71 -14.95
CA LEU D 284 57.24 48.29 -15.35
C LEU D 284 58.28 48.26 -14.23
N GLY D 285 57.83 48.61 -13.03
CA GLY D 285 58.69 48.72 -11.86
C GLY D 285 59.16 47.37 -11.37
N PHE D 286 58.25 46.41 -11.30
CA PHE D 286 58.56 45.05 -10.90
C PHE D 286 59.53 44.42 -11.88
N LEU D 287 59.22 44.56 -13.15
CA LEU D 287 60.05 43.98 -14.21
C LEU D 287 61.42 44.64 -14.30
N VAL D 288 61.48 45.94 -14.00
CA VAL D 288 62.77 46.63 -13.92
C VAL D 288 63.56 46.27 -12.65
N GLY D 289 62.86 46.00 -11.56
CA GLY D 289 63.54 45.70 -10.31
C GLY D 289 64.01 44.26 -10.24
N ALA D 290 63.52 43.44 -11.17
CA ALA D 290 63.96 42.07 -11.30
C ALA D 290 64.89 41.95 -12.50
N ALA D 291 65.73 42.96 -12.66
CA ALA D 291 66.60 43.06 -13.84
C ALA D 291 67.91 43.77 -13.48
#